data_6CG3
# 
_entry.id   6CG3 
# 
_audit_conform.dict_name       mmcif_pdbx.dic 
_audit_conform.dict_version    5.403 
_audit_conform.dict_location   http://mmcif.pdb.org/dictionaries/ascii/mmcif_pdbx.dic 
# 
loop_
_database_2.database_id 
_database_2.database_code 
_database_2.pdbx_database_accession 
_database_2.pdbx_DOI 
PDB   6CG3         pdb_00006cg3 10.2210/pdb6cg3/pdb 
WWPDB D_1000232689 ?            ?                   
# 
loop_
_pdbx_audit_revision_history.ordinal 
_pdbx_audit_revision_history.data_content_type 
_pdbx_audit_revision_history.major_revision 
_pdbx_audit_revision_history.minor_revision 
_pdbx_audit_revision_history.revision_date 
_pdbx_audit_revision_history.part_number 
1 'Structure model' 1 0 2018-05-16 ? 
2 'Structure model' 1 1 2020-01-01 ? 
3 'Structure model' 1 2 2025-04-02 ? 
# 
_pdbx_audit_revision_details.ordinal             1 
_pdbx_audit_revision_details.revision_ordinal    1 
_pdbx_audit_revision_details.data_content_type   'Structure model' 
_pdbx_audit_revision_details.provider            repository 
_pdbx_audit_revision_details.type                'Initial release' 
_pdbx_audit_revision_details.description         ? 
_pdbx_audit_revision_details.details             ? 
# 
loop_
_pdbx_audit_revision_group.ordinal 
_pdbx_audit_revision_group.revision_ordinal 
_pdbx_audit_revision_group.data_content_type 
_pdbx_audit_revision_group.group 
1 2 'Structure model' 'Author supporting evidence' 
2 3 'Structure model' 'Data collection'            
3 3 'Structure model' 'Database references'        
4 3 'Structure model' 'Derived calculations'       
5 3 'Structure model' 'Structure summary'          
# 
loop_
_pdbx_audit_revision_category.ordinal 
_pdbx_audit_revision_category.revision_ordinal 
_pdbx_audit_revision_category.data_content_type 
_pdbx_audit_revision_category.category 
1 2 'Structure model' pdbx_audit_support        
2 3 'Structure model' chem_comp_atom            
3 3 'Structure model' chem_comp_bond            
4 3 'Structure model' database_2                
5 3 'Structure model' pdbx_entry_details        
6 3 'Structure model' pdbx_modification_feature 
7 3 'Structure model' struct_conn               
# 
loop_
_pdbx_audit_revision_item.ordinal 
_pdbx_audit_revision_item.revision_ordinal 
_pdbx_audit_revision_item.data_content_type 
_pdbx_audit_revision_item.item 
1  2 'Structure model' '_pdbx_audit_support.funding_organization' 
2  3 'Structure model' '_database_2.pdbx_DOI'                     
3  3 'Structure model' '_database_2.pdbx_database_accession'      
4  3 'Structure model' '_struct_conn.pdbx_dist_value'             
5  3 'Structure model' '_struct_conn.pdbx_leaving_atom_flag'      
6  3 'Structure model' '_struct_conn.ptnr1_label_atom_id'         
7  3 'Structure model' '_struct_conn.ptnr2_auth_comp_id'          
8  3 'Structure model' '_struct_conn.ptnr2_auth_seq_id'           
9  3 'Structure model' '_struct_conn.ptnr2_label_atom_id'         
10 3 'Structure model' '_struct_conn.ptnr2_label_comp_id'         
11 3 'Structure model' '_struct_conn.ptnr2_label_seq_id'          
# 
_pdbx_database_status.status_code                     REL 
_pdbx_database_status.status_code_sf                  REL 
_pdbx_database_status.status_code_mr                  ? 
_pdbx_database_status.entry_id                        6CG3 
_pdbx_database_status.recvd_initial_deposition_date   2018-02-19 
_pdbx_database_status.SG_entry                        N 
_pdbx_database_status.deposit_site                    RCSB 
_pdbx_database_status.process_site                    RCSB 
_pdbx_database_status.status_code_cs                  ? 
_pdbx_database_status.methods_development_category    ? 
_pdbx_database_status.pdb_format_compatible           Y 
_pdbx_database_status.status_code_nmr_data            ? 
# 
loop_
_audit_author.name 
_audit_author.pdbx_ordinal 
_audit_author.identifier_ORCID 
'Salveson, P.J.' 1 ? 
'Nowick, J.S.'   2 ? 
# 
_citation.abstract                  ? 
_citation.abstract_id_CAS           ? 
_citation.book_id_ISBN              ? 
_citation.book_publisher            ? 
_citation.book_publisher_city       ? 
_citation.book_title                ? 
_citation.coordinate_linkage        ? 
_citation.country                   US 
_citation.database_id_Medline       ? 
_citation.details                   ? 
_citation.id                        primary 
_citation.journal_abbrev            'J. Am. Chem. Soc.' 
_citation.journal_id_ASTM           JACSAT 
_citation.journal_id_CSD            ? 
_citation.journal_id_ISSN           1520-5126 
_citation.journal_full              ? 
_citation.journal_issue             ? 
_citation.journal_volume            140 
_citation.language                  ? 
_citation.page_first                5842 
_citation.page_last                 5852 
_citation.title                     'Controlling the Oligomerization State of A beta-Derived Peptides with Light.' 
_citation.year                      2018 
_citation.database_id_CSD           ? 
_citation.pdbx_database_id_DOI      10.1021/jacs.8b02658 
_citation.pdbx_database_id_PubMed   29627987 
_citation.unpublished_flag          ? 
# 
loop_
_citation_author.citation_id 
_citation_author.name 
_citation_author.ordinal 
_citation_author.identifier_ORCID 
primary 'Salveson, P.J.'      1 ? 
primary 'Haerianardakani, S.' 2 ? 
primary 'Thuy-Boun, A.'       3 ? 
primary 'Kreutzer, A.G.'      4 ? 
primary 'Nowick, J.S.'        5 ? 
# 
loop_
_entity.id 
_entity.type 
_entity.src_method 
_entity.pdbx_description 
_entity.formula_weight 
_entity.pdbx_number_of_molecules 
_entity.pdbx_ec 
_entity.pdbx_mutation 
_entity.pdbx_fragment 
_entity.details 
1 polymer syn ORN-LEU-VAL-PHI-PHE-ALA-GLU-ASP-ORN-ALA-ILE-ILE-EZY-LEU-ORN-VAL 2010.119 1  ? ? ? ? 
2 water   nat water                                                           18.015   11 ? ? ? ? 
# 
_entity_poly.entity_id                      1 
_entity_poly.type                           'polypeptide(L)' 
_entity_poly.nstd_linkage                   no 
_entity_poly.nstd_monomer                   yes 
_entity_poly.pdbx_seq_one_letter_code       '(ORN)LV(PHI)FAED(ORN)AII(EZY)L(ORN)V' 
_entity_poly.pdbx_seq_one_letter_code_can   ALVFFAEDAAIIXLAV 
_entity_poly.pdbx_strand_id                 A 
_entity_poly.pdbx_target_identifier         ? 
# 
_pdbx_entity_nonpoly.entity_id   2 
_pdbx_entity_nonpoly.name        water 
_pdbx_entity_nonpoly.comp_id     HOH 
# 
loop_
_entity_poly_seq.entity_id 
_entity_poly_seq.num 
_entity_poly_seq.mon_id 
_entity_poly_seq.hetero 
1 1  ORN n 
1 2  LEU n 
1 3  VAL n 
1 4  PHI n 
1 5  PHE n 
1 6  ALA n 
1 7  GLU n 
1 8  ASP n 
1 9  ORN n 
1 10 ALA n 
1 11 ILE n 
1 12 ILE n 
1 13 EZY n 
1 14 LEU n 
1 15 ORN n 
1 16 VAL n 
# 
_pdbx_entity_src_syn.entity_id              1 
_pdbx_entity_src_syn.pdbx_src_id            1 
_pdbx_entity_src_syn.pdbx_alt_source_flag   sample 
_pdbx_entity_src_syn.pdbx_beg_seq_num       1 
_pdbx_entity_src_syn.pdbx_end_seq_num       16 
_pdbx_entity_src_syn.organism_scientific    'synthetic construct' 
_pdbx_entity_src_syn.organism_common_name   ? 
_pdbx_entity_src_syn.ncbi_taxonomy_id       32630 
_pdbx_entity_src_syn.details                ? 
# 
loop_
_chem_comp.id 
_chem_comp.type 
_chem_comp.mon_nstd_flag 
_chem_comp.name 
_chem_comp.pdbx_synonyms 
_chem_comp.formula 
_chem_comp.formula_weight 
ALA 'L-peptide linking' y ALANINE                            ?                    'C3 H7 N O2'    89.093  
ASP 'L-peptide linking' y 'ASPARTIC ACID'                    ?                    'C4 H7 N O4'    133.103 
EZY non-polymer         n 'N-[(2-nitrophenyl)methyl]glycine' 2-nitrobenzylglycine 'C9 H10 N2 O4'  210.187 
GLU 'L-peptide linking' y 'GLUTAMIC ACID'                    ?                    'C5 H9 N O4'    147.129 
HOH non-polymer         . WATER                              ?                    'H2 O'          18.015  
ILE 'L-peptide linking' y ISOLEUCINE                         ?                    'C6 H13 N O2'   131.173 
LEU 'L-peptide linking' y LEUCINE                            ?                    'C6 H13 N O2'   131.173 
ORN 'L-peptide linking' n L-ornithine                        ?                    'C5 H12 N2 O2'  132.161 
PHE 'L-peptide linking' y PHENYLALANINE                      ?                    'C9 H11 N O2'   165.189 
PHI 'L-peptide linking' n IODO-PHENYLALANINE                 ?                    'C9 H10 I N O2' 291.086 
VAL 'L-peptide linking' y VALINE                             ?                    'C5 H11 N O2'   117.146 
# 
loop_
_pdbx_poly_seq_scheme.asym_id 
_pdbx_poly_seq_scheme.entity_id 
_pdbx_poly_seq_scheme.seq_id 
_pdbx_poly_seq_scheme.mon_id 
_pdbx_poly_seq_scheme.ndb_seq_num 
_pdbx_poly_seq_scheme.pdb_seq_num 
_pdbx_poly_seq_scheme.auth_seq_num 
_pdbx_poly_seq_scheme.pdb_mon_id 
_pdbx_poly_seq_scheme.auth_mon_id 
_pdbx_poly_seq_scheme.pdb_strand_id 
_pdbx_poly_seq_scheme.pdb_ins_code 
_pdbx_poly_seq_scheme.hetero 
A 1 1  ORN 1  1  1  ORN ORN A . n 
A 1 2  LEU 2  2  2  LEU LEU A . n 
A 1 3  VAL 3  3  3  VAL VAL A . n 
A 1 4  PHI 4  4  4  PHI PHI A . n 
A 1 5  PHE 5  5  5  PHE PHE A . n 
A 1 6  ALA 6  6  6  ALA ALA A . n 
A 1 7  GLU 7  7  7  GLU GLU A . n 
A 1 8  ASP 8  8  8  ASP ASP A . n 
A 1 9  ORN 9  9  9  ORN ORN A . n 
A 1 10 ALA 10 10 10 ALA ALA A . n 
A 1 11 ILE 11 11 11 ILE ILE A . n 
A 1 12 ILE 12 12 12 ILE ILE A . n 
A 1 13 EZY 13 13 13 EZY 2NB A . n 
A 1 14 LEU 14 14 14 LEU LEU A . n 
A 1 15 ORN 15 15 15 ORN ORN A . n 
A 1 16 VAL 16 16 16 VAL VAL A . n 
# 
loop_
_pdbx_nonpoly_scheme.asym_id 
_pdbx_nonpoly_scheme.entity_id 
_pdbx_nonpoly_scheme.mon_id 
_pdbx_nonpoly_scheme.ndb_seq_num 
_pdbx_nonpoly_scheme.pdb_seq_num 
_pdbx_nonpoly_scheme.auth_seq_num 
_pdbx_nonpoly_scheme.pdb_mon_id 
_pdbx_nonpoly_scheme.auth_mon_id 
_pdbx_nonpoly_scheme.pdb_strand_id 
_pdbx_nonpoly_scheme.pdb_ins_code 
B 2 HOH 1  101 11 HOH HOH A . 
B 2 HOH 2  102 10 HOH HOH A . 
B 2 HOH 3  103 3  HOH HOH A . 
B 2 HOH 4  104 7  HOH HOH A . 
B 2 HOH 5  105 8  HOH HOH A . 
B 2 HOH 6  106 2  HOH HOH A . 
B 2 HOH 7  107 4  HOH HOH A . 
B 2 HOH 8  108 6  HOH HOH A . 
B 2 HOH 9  109 12 HOH HOH A . 
B 2 HOH 10 110 5  HOH HOH A . 
B 2 HOH 11 111 9  HOH HOH A . 
# 
loop_
_software.citation_id 
_software.classification 
_software.compiler_name 
_software.compiler_version 
_software.contact_author 
_software.contact_author_email 
_software.date 
_software.description 
_software.dependencies 
_software.hardware 
_software.language 
_software.location 
_software.mods 
_software.name 
_software.os 
_software.os_version 
_software.type 
_software.version 
_software.pdbx_ordinal 
? refinement       ? ? ? ? ? ? ? ? ? ? ? PHENIX  ? ? ? '(1.11.1_2575: ???)' 1 
? 'data reduction' ? ? ? ? ? ? ? ? ? ? ? XDS     ? ? ? .                    2 
? 'data scaling'   ? ? ? ? ? ? ? ? ? ? ? Aimless ? ? ? .                    3 
? phasing          ? ? ? ? ? ? ? ? ? ? ? PHASER  ? ? ? .                    4 
# 
_cell.angle_alpha                  90.00 
_cell.angle_alpha_esd              ? 
_cell.angle_beta                   90.00 
_cell.angle_beta_esd               ? 
_cell.angle_gamma                  90.00 
_cell.angle_gamma_esd              ? 
_cell.entry_id                     6CG3 
_cell.details                      ? 
_cell.formula_units_Z              ? 
_cell.length_a                     47.504 
_cell.length_a_esd                 ? 
_cell.length_b                     47.504 
_cell.length_b_esd                 ? 
_cell.length_c                     47.504 
_cell.length_c_esd                 ? 
_cell.volume                       ? 
_cell.volume_esd                   ? 
_cell.Z_PDB                        24 
_cell.reciprocal_angle_alpha       ? 
_cell.reciprocal_angle_beta        ? 
_cell.reciprocal_angle_gamma       ? 
_cell.reciprocal_angle_alpha_esd   ? 
_cell.reciprocal_angle_beta_esd    ? 
_cell.reciprocal_angle_gamma_esd   ? 
_cell.reciprocal_length_a          ? 
_cell.reciprocal_length_b          ? 
_cell.reciprocal_length_c          ? 
_cell.reciprocal_length_a_esd      ? 
_cell.reciprocal_length_b_esd      ? 
_cell.reciprocal_length_c_esd      ? 
_cell.pdbx_unique_axis             ? 
# 
_symmetry.entry_id                         6CG3 
_symmetry.cell_setting                     ? 
_symmetry.Int_Tables_number                208 
_symmetry.space_group_name_Hall            ? 
_symmetry.space_group_name_H-M             'P 42 3 2' 
_symmetry.pdbx_full_space_group_name_H-M   ? 
# 
_exptl.absorpt_coefficient_mu     ? 
_exptl.absorpt_correction_T_max   ? 
_exptl.absorpt_correction_T_min   ? 
_exptl.absorpt_correction_type    ? 
_exptl.absorpt_process_details    ? 
_exptl.entry_id                   6CG3 
_exptl.crystals_number            1 
_exptl.details                    ? 
_exptl.method                     'X-RAY DIFFRACTION' 
_exptl.method_details             ? 
# 
_exptl_crystal.colour                      ? 
_exptl_crystal.density_diffrn              ? 
_exptl_crystal.density_Matthews            2.22 
_exptl_crystal.density_method              ? 
_exptl_crystal.density_percent_sol         44.65 
_exptl_crystal.description                 ? 
_exptl_crystal.F_000                       ? 
_exptl_crystal.id                          1 
_exptl_crystal.preparation                 ? 
_exptl_crystal.size_max                    ? 
_exptl_crystal.size_mid                    ? 
_exptl_crystal.size_min                    ? 
_exptl_crystal.size_rad                    ? 
_exptl_crystal.colour_lustre               ? 
_exptl_crystal.colour_modifier             ? 
_exptl_crystal.colour_primary              ? 
_exptl_crystal.density_meas                ? 
_exptl_crystal.density_meas_esd            ? 
_exptl_crystal.density_meas_gt             ? 
_exptl_crystal.density_meas_lt             ? 
_exptl_crystal.density_meas_temp           ? 
_exptl_crystal.density_meas_temp_esd       ? 
_exptl_crystal.density_meas_temp_gt        ? 
_exptl_crystal.density_meas_temp_lt        ? 
_exptl_crystal.pdbx_crystal_image_url      ? 
_exptl_crystal.pdbx_crystal_image_format   ? 
_exptl_crystal.pdbx_mosaicity              ? 
_exptl_crystal.pdbx_mosaicity_esd          ? 
# 
_exptl_crystal_grow.apparatus       ? 
_exptl_crystal_grow.atmosphere      ? 
_exptl_crystal_grow.crystal_id      1 
_exptl_crystal_grow.details         ? 
_exptl_crystal_grow.method          'VAPOR DIFFUSION, HANGING DROP' 
_exptl_crystal_grow.method_ref      ? 
_exptl_crystal_grow.pH              ? 
_exptl_crystal_grow.pressure        ? 
_exptl_crystal_grow.pressure_esd    ? 
_exptl_crystal_grow.seeding         ? 
_exptl_crystal_grow.seeding_ref     ? 
_exptl_crystal_grow.temp            296.15 
_exptl_crystal_grow.temp_details    ? 
_exptl_crystal_grow.temp_esd        ? 
_exptl_crystal_grow.time            ? 
_exptl_crystal_grow.pdbx_details    
;0.1 M HEPES pH 8.75
18% Jeffamine M-600
;
_exptl_crystal_grow.pdbx_pH_range   ? 
# 
_diffrn.ambient_environment    ? 
_diffrn.ambient_temp           150 
_diffrn.ambient_temp_details   ? 
_diffrn.ambient_temp_esd       ? 
_diffrn.crystal_id             1 
_diffrn.crystal_support        ? 
_diffrn.crystal_treatment      ? 
_diffrn.details                ? 
_diffrn.id                     1 
_diffrn.ambient_pressure       ? 
_diffrn.ambient_pressure_esd   ? 
_diffrn.ambient_pressure_gt    ? 
_diffrn.ambient_pressure_lt    ? 
_diffrn.ambient_temp_gt        ? 
_diffrn.ambient_temp_lt        ? 
# 
_diffrn_detector.details                      ? 
_diffrn_detector.detector                     CCD 
_diffrn_detector.diffrn_id                    1 
_diffrn_detector.type                         'RIGAKU SATURN 92' 
_diffrn_detector.area_resol_mean              ? 
_diffrn_detector.dtime                        ? 
_diffrn_detector.pdbx_frames_total            ? 
_diffrn_detector.pdbx_collection_time_total   ? 
_diffrn_detector.pdbx_collection_date         2016-09-13 
# 
_diffrn_radiation.collimation                      ? 
_diffrn_radiation.diffrn_id                        1 
_diffrn_radiation.filter_edge                      ? 
_diffrn_radiation.inhomogeneity                    ? 
_diffrn_radiation.monochromator                    ? 
_diffrn_radiation.polarisn_norm                    ? 
_diffrn_radiation.polarisn_ratio                   ? 
_diffrn_radiation.probe                            ? 
_diffrn_radiation.type                             ? 
_diffrn_radiation.xray_symbol                      ? 
_diffrn_radiation.wavelength_id                    1 
_diffrn_radiation.pdbx_monochromatic_or_laue_m_l   M 
_diffrn_radiation.pdbx_wavelength_list             ? 
_diffrn_radiation.pdbx_wavelength                  ? 
_diffrn_radiation.pdbx_diffrn_protocol             'SINGLE WAVELENGTH' 
_diffrn_radiation.pdbx_analyzer                    ? 
_diffrn_radiation.pdbx_scattering_type             x-ray 
# 
_diffrn_radiation_wavelength.id           1 
_diffrn_radiation_wavelength.wavelength   1.54 
_diffrn_radiation_wavelength.wt           1.0 
# 
_diffrn_source.current                     ? 
_diffrn_source.details                     ? 
_diffrn_source.diffrn_id                   1 
_diffrn_source.power                       ? 
_diffrn_source.size                        ? 
_diffrn_source.source                      'ROTATING ANODE' 
_diffrn_source.target                      ? 
_diffrn_source.type                        'RIGAKU MICROMAX-007 HF' 
_diffrn_source.voltage                     ? 
_diffrn_source.take-off_angle              ? 
_diffrn_source.pdbx_wavelength_list        1.54 
_diffrn_source.pdbx_wavelength             ? 
_diffrn_source.pdbx_synchrotron_beamline   ? 
_diffrn_source.pdbx_synchrotron_site       ? 
# 
_reflns.B_iso_Wilson_estimate            ? 
_reflns.entry_id                         6CG3 
_reflns.data_reduction_details           ? 
_reflns.data_reduction_method            ? 
_reflns.d_resolution_high                2.03 
_reflns.d_resolution_low                 19.4 
_reflns.details                          ? 
_reflns.limit_h_max                      ? 
_reflns.limit_h_min                      ? 
_reflns.limit_k_max                      ? 
_reflns.limit_k_min                      ? 
_reflns.limit_l_max                      ? 
_reflns.limit_l_min                      ? 
_reflns.number_all                       ? 
_reflns.number_obs                       2241 
_reflns.observed_criterion               ? 
_reflns.observed_criterion_F_max         ? 
_reflns.observed_criterion_F_min         ? 
_reflns.observed_criterion_I_max         ? 
_reflns.observed_criterion_I_min         ? 
_reflns.observed_criterion_sigma_F       ? 
_reflns.observed_criterion_sigma_I       ? 
_reflns.percent_possible_obs             99.5 
_reflns.R_free_details                   ? 
_reflns.Rmerge_F_all                     ? 
_reflns.Rmerge_F_obs                     ? 
_reflns.Friedel_coverage                 ? 
_reflns.number_gt                        ? 
_reflns.threshold_expression             ? 
_reflns.pdbx_redundancy                  28.8 
_reflns.pdbx_Rmerge_I_obs                0.166 
_reflns.pdbx_Rmerge_I_all                ? 
_reflns.pdbx_Rsym_value                  ? 
_reflns.pdbx_netI_over_av_sigmaI         ? 
_reflns.pdbx_netI_over_sigmaI            18.4 
_reflns.pdbx_res_netI_over_av_sigmaI_2   ? 
_reflns.pdbx_res_netI_over_sigmaI_2      ? 
_reflns.pdbx_chi_squared                 ? 
_reflns.pdbx_scaling_rejects             ? 
_reflns.pdbx_d_res_high_opt              ? 
_reflns.pdbx_d_res_low_opt               ? 
_reflns.pdbx_d_res_opt_method            ? 
_reflns.phase_calculation_details        ? 
_reflns.pdbx_Rrim_I_all                  ? 
_reflns.pdbx_Rpim_I_all                  ? 
_reflns.pdbx_d_opt                       ? 
_reflns.pdbx_number_measured_all         ? 
_reflns.pdbx_diffrn_id                   1 
_reflns.pdbx_ordinal                     1 
_reflns.pdbx_CC_half                     0.998 
_reflns.pdbx_R_split                     ? 
# 
_reflns_shell.d_res_high                  2.08 
_reflns_shell.d_res_low                   2.13 
_reflns_shell.meanI_over_sigI_all         ? 
_reflns_shell.meanI_over_sigI_obs         ? 
_reflns_shell.number_measured_all         ? 
_reflns_shell.number_measured_obs         ? 
_reflns_shell.number_possible             ? 
_reflns_shell.number_unique_all           ? 
_reflns_shell.number_unique_obs           312 
_reflns_shell.percent_possible_all        98.5 
_reflns_shell.percent_possible_obs        ? 
_reflns_shell.Rmerge_F_all                ? 
_reflns_shell.Rmerge_F_obs                ? 
_reflns_shell.Rmerge_I_all                ? 
_reflns_shell.Rmerge_I_obs                0.654 
_reflns_shell.meanI_over_sigI_gt          ? 
_reflns_shell.meanI_over_uI_all           ? 
_reflns_shell.meanI_over_uI_gt            ? 
_reflns_shell.number_measured_gt          ? 
_reflns_shell.number_unique_gt            ? 
_reflns_shell.percent_possible_gt         ? 
_reflns_shell.Rmerge_F_gt                 ? 
_reflns_shell.Rmerge_I_gt                 ? 
_reflns_shell.pdbx_redundancy             ? 
_reflns_shell.pdbx_Rsym_value             ? 
_reflns_shell.pdbx_chi_squared            ? 
_reflns_shell.pdbx_netI_over_sigmaI_all   ? 
_reflns_shell.pdbx_netI_over_sigmaI_obs   ? 
_reflns_shell.pdbx_Rrim_I_all             ? 
_reflns_shell.pdbx_Rpim_I_all             ? 
_reflns_shell.pdbx_rejects                ? 
_reflns_shell.pdbx_ordinal                1 
_reflns_shell.pdbx_diffrn_id              1 
_reflns_shell.pdbx_CC_half                0.954 
_reflns_shell.pdbx_R_split                ? 
# 
_refine.aniso_B[1][1]                            ? 
_refine.aniso_B[1][2]                            ? 
_refine.aniso_B[1][3]                            ? 
_refine.aniso_B[2][2]                            ? 
_refine.aniso_B[2][3]                            ? 
_refine.aniso_B[3][3]                            ? 
_refine.B_iso_max                                ? 
_refine.B_iso_mean                               ? 
_refine.B_iso_min                                ? 
_refine.correlation_coeff_Fo_to_Fc               ? 
_refine.correlation_coeff_Fo_to_Fc_free          ? 
_refine.details                                  ? 
_refine.diff_density_max                         ? 
_refine.diff_density_max_esd                     ? 
_refine.diff_density_min                         ? 
_refine.diff_density_min_esd                     ? 
_refine.diff_density_rms                         ? 
_refine.diff_density_rms_esd                     ? 
_refine.entry_id                                 6CG3 
_refine.pdbx_refine_id                           'X-RAY DIFFRACTION' 
_refine.ls_abs_structure_details                 ? 
_refine.ls_abs_structure_Flack                   ? 
_refine.ls_abs_structure_Flack_esd               ? 
_refine.ls_abs_structure_Rogers                  ? 
_refine.ls_abs_structure_Rogers_esd              ? 
_refine.ls_d_res_high                            2.03 
_refine.ls_d_res_low                             19.393 
_refine.ls_extinction_coef                       ? 
_refine.ls_extinction_coef_esd                   ? 
_refine.ls_extinction_expression                 ? 
_refine.ls_extinction_method                     ? 
_refine.ls_goodness_of_fit_all                   ? 
_refine.ls_goodness_of_fit_all_esd               ? 
_refine.ls_goodness_of_fit_obs                   ? 
_refine.ls_goodness_of_fit_obs_esd               ? 
_refine.ls_hydrogen_treatment                    ? 
_refine.ls_matrix_type                           ? 
_refine.ls_number_constraints                    ? 
_refine.ls_number_parameters                     ? 
_refine.ls_number_reflns_all                     ? 
_refine.ls_number_reflns_obs                     2241 
_refine.ls_number_reflns_R_free                  232 
_refine.ls_number_reflns_R_work                  ? 
_refine.ls_number_restraints                     ? 
_refine.ls_percent_reflns_obs                    99.16 
_refine.ls_percent_reflns_R_free                 10.35 
_refine.ls_R_factor_all                          ? 
_refine.ls_R_factor_obs                          0.2159 
_refine.ls_R_factor_R_free                       0.2547 
_refine.ls_R_factor_R_free_error                 ? 
_refine.ls_R_factor_R_free_error_details         ? 
_refine.ls_R_factor_R_work                       0.2113 
_refine.ls_R_Fsqd_factor_obs                     ? 
_refine.ls_R_I_factor_obs                        ? 
_refine.ls_redundancy_reflns_all                 ? 
_refine.ls_redundancy_reflns_obs                 ? 
_refine.ls_restrained_S_all                      ? 
_refine.ls_restrained_S_obs                      ? 
_refine.ls_shift_over_esd_max                    ? 
_refine.ls_shift_over_esd_mean                   ? 
_refine.ls_structure_factor_coef                 ? 
_refine.ls_weighting_details                     ? 
_refine.ls_weighting_scheme                      ? 
_refine.ls_wR_factor_all                         ? 
_refine.ls_wR_factor_obs                         ? 
_refine.ls_wR_factor_R_free                      ? 
_refine.ls_wR_factor_R_work                      ? 
_refine.occupancy_max                            ? 
_refine.occupancy_min                            ? 
_refine.solvent_model_details                    ? 
_refine.solvent_model_param_bsol                 ? 
_refine.solvent_model_param_ksol                 ? 
_refine.ls_R_factor_gt                           ? 
_refine.ls_goodness_of_fit_gt                    ? 
_refine.ls_goodness_of_fit_ref                   ? 
_refine.ls_shift_over_su_max                     ? 
_refine.ls_shift_over_su_max_lt                  ? 
_refine.ls_shift_over_su_mean                    ? 
_refine.ls_shift_over_su_mean_lt                 ? 
_refine.pdbx_ls_sigma_I                          ? 
_refine.pdbx_ls_sigma_F                          1.34 
_refine.pdbx_ls_sigma_Fsqd                       ? 
_refine.pdbx_data_cutoff_high_absF               ? 
_refine.pdbx_data_cutoff_high_rms_absF           ? 
_refine.pdbx_data_cutoff_low_absF                ? 
_refine.pdbx_isotropic_thermal_model             ? 
_refine.pdbx_ls_cross_valid_method               'FREE R-VALUE' 
_refine.pdbx_method_to_determine_struct          SAD 
_refine.pdbx_starting_model                      ? 
_refine.pdbx_stereochemistry_target_values       ? 
_refine.pdbx_R_Free_selection_details            ? 
_refine.pdbx_stereochem_target_val_spec_case     ? 
_refine.pdbx_overall_ESU_R                       ? 
_refine.pdbx_overall_ESU_R_Free                  ? 
_refine.pdbx_solvent_vdw_probe_radii             1.11 
_refine.pdbx_solvent_ion_probe_radii             ? 
_refine.pdbx_solvent_shrinkage_radii             0.90 
_refine.pdbx_real_space_R                        ? 
_refine.pdbx_density_correlation                 ? 
_refine.pdbx_pd_number_of_powder_patterns        ? 
_refine.pdbx_pd_number_of_points                 ? 
_refine.pdbx_pd_meas_number_of_points            ? 
_refine.pdbx_pd_proc_ls_prof_R_factor            ? 
_refine.pdbx_pd_proc_ls_prof_wR_factor           ? 
_refine.pdbx_pd_Marquardt_correlation_coeff      ? 
_refine.pdbx_pd_Fsqrd_R_factor                   ? 
_refine.pdbx_pd_ls_matrix_band_width             ? 
_refine.pdbx_overall_phase_error                 18.31 
_refine.pdbx_overall_SU_R_free_Cruickshank_DPI   ? 
_refine.pdbx_overall_SU_R_free_Blow_DPI          ? 
_refine.pdbx_overall_SU_R_Blow_DPI               ? 
_refine.pdbx_TLS_residual_ADP_flag               ? 
_refine.pdbx_diffrn_id                           1 
_refine.overall_SU_B                             ? 
_refine.overall_SU_ML                            0.18 
_refine.overall_SU_R_Cruickshank_DPI             ? 
_refine.overall_SU_R_free                        ? 
_refine.overall_FOM_free_R_set                   ? 
_refine.overall_FOM_work_R_set                   ? 
_refine.pdbx_average_fsc_overall                 ? 
_refine.pdbx_average_fsc_work                    ? 
_refine.pdbx_average_fsc_free                    ? 
# 
_refine_hist.pdbx_refine_id                   'X-RAY DIFFRACTION' 
_refine_hist.cycle_id                         LAST 
_refine_hist.pdbx_number_atoms_protein        134 
_refine_hist.pdbx_number_atoms_nucleic_acid   0 
_refine_hist.pdbx_number_atoms_ligand         0 
_refine_hist.number_atoms_solvent             11 
_refine_hist.number_atoms_total               145 
_refine_hist.d_res_high                       2.03 
_refine_hist.d_res_low                        19.393 
# 
loop_
_refine_ls_restr.pdbx_refine_id 
_refine_ls_restr.criterion 
_refine_ls_restr.dev_ideal 
_refine_ls_restr.dev_ideal_target 
_refine_ls_restr.number 
_refine_ls_restr.rejects 
_refine_ls_restr.type 
_refine_ls_restr.weight 
_refine_ls_restr.pdbx_restraint_function 
'X-RAY DIFFRACTION' ? 0.004  ? 137 ? f_bond_d           ? ? 
'X-RAY DIFFRACTION' ? 1.164  ? 183 ? f_angle_d          ? ? 
'X-RAY DIFFRACTION' ? 27.471 ? 89  ? f_dihedral_angle_d ? ? 
'X-RAY DIFFRACTION' ? 0.124  ? 21  ? f_chiral_restr     ? ? 
'X-RAY DIFFRACTION' ? 0.003  ? 22  ? f_plane_restr      ? ? 
# 
loop_
_refine_ls_shell.pdbx_refine_id 
_refine_ls_shell.d_res_high 
_refine_ls_shell.d_res_low 
_refine_ls_shell.number_reflns_all 
_refine_ls_shell.number_reflns_obs 
_refine_ls_shell.number_reflns_R_free 
_refine_ls_shell.number_reflns_R_work 
_refine_ls_shell.percent_reflns_obs 
_refine_ls_shell.percent_reflns_R_free 
_refine_ls_shell.R_factor_all 
_refine_ls_shell.R_factor_obs 
_refine_ls_shell.R_factor_R_free 
_refine_ls_shell.R_factor_R_free_error 
_refine_ls_shell.R_factor_R_work 
_refine_ls_shell.redundancy_reflns_all 
_refine_ls_shell.redundancy_reflns_obs 
_refine_ls_shell.wR_factor_all 
_refine_ls_shell.wR_factor_obs 
_refine_ls_shell.wR_factor_R_free 
_refine_ls_shell.wR_factor_R_work 
_refine_ls_shell.pdbx_total_number_of_bins_used 
_refine_ls_shell.pdbx_phase_error 
_refine_ls_shell.pdbx_fsc_work 
_refine_ls_shell.pdbx_fsc_free 
'X-RAY DIFFRACTION' 2.0293 2.5557  . . 114 990  98.00  . . . 0.2832 . 0.2430 . . . . . . . . . . 
'X-RAY DIFFRACTION' 2.5557 19.3943 . . 118 1019 100.00 . . . 0.2431 . 0.1979 . . . . . . . . . . 
# 
_struct.entry_id                     6CG3 
_struct.title                        
'Macrocyclic peptide derived from Abeta(17-36) - (ORN)LV(PHI)FAED(ORN)AII(2-nitrobenzylglycine)L(ORN)V' 
_struct.pdbx_model_details           ? 
_struct.pdbx_formula_weight          ? 
_struct.pdbx_formula_weight_method   ? 
_struct.pdbx_model_type_details      ? 
_struct.pdbx_CASP_flag               N 
# 
_struct_keywords.entry_id        6CG3 
_struct_keywords.text            
;Amyloid, oligomer, Alzheimer's Disease, Abeta, NEUROPEPTIDE
;
_struct_keywords.pdbx_keywords   NEUROPEPTIDE 
# 
loop_
_struct_asym.id 
_struct_asym.pdbx_blank_PDB_chainid_flag 
_struct_asym.pdbx_modified 
_struct_asym.entity_id 
_struct_asym.details 
A N N 1 ? 
B N N 2 ? 
# 
_struct_ref.id                         1 
_struct_ref.db_name                    PDB 
_struct_ref.db_code                    6CG3 
_struct_ref.pdbx_db_accession          6CG3 
_struct_ref.pdbx_db_isoform            ? 
_struct_ref.entity_id                  1 
_struct_ref.pdbx_seq_one_letter_code   ? 
_struct_ref.pdbx_align_begin           1 
# 
_struct_ref_seq.align_id                      1 
_struct_ref_seq.ref_id                        1 
_struct_ref_seq.pdbx_PDB_id_code              6CG3 
_struct_ref_seq.pdbx_strand_id                A 
_struct_ref_seq.seq_align_beg                 1 
_struct_ref_seq.pdbx_seq_align_beg_ins_code   ? 
_struct_ref_seq.seq_align_end                 16 
_struct_ref_seq.pdbx_seq_align_end_ins_code   ? 
_struct_ref_seq.pdbx_db_accession             6CG3 
_struct_ref_seq.db_align_beg                  1 
_struct_ref_seq.pdbx_db_align_beg_ins_code    ? 
_struct_ref_seq.db_align_end                  16 
_struct_ref_seq.pdbx_db_align_end_ins_code    ? 
_struct_ref_seq.pdbx_auth_seq_align_beg       1 
_struct_ref_seq.pdbx_auth_seq_align_end       16 
# 
_pdbx_struct_assembly.id                   1 
_pdbx_struct_assembly.details              author_and_software_defined_assembly 
_pdbx_struct_assembly.method_details       PISA 
_pdbx_struct_assembly.oligomeric_details   dodecameric 
_pdbx_struct_assembly.oligomeric_count     12 
# 
loop_
_pdbx_struct_assembly_prop.biol_id 
_pdbx_struct_assembly_prop.type 
_pdbx_struct_assembly_prop.value 
_pdbx_struct_assembly_prop.details 
1 'ABSA (A^2)' 9530  ? 
1 MORE         -79   ? 
1 'SSA (A^2)'  11890 ? 
# 
_pdbx_struct_assembly_gen.assembly_id       1 
_pdbx_struct_assembly_gen.oper_expression   1,2,3,4,5,6,7,8,9,10,11,12 
_pdbx_struct_assembly_gen.asym_id_list      A,B 
# 
_pdbx_struct_assembly_auth_evidence.id                     1 
_pdbx_struct_assembly_auth_evidence.assembly_id            1 
_pdbx_struct_assembly_auth_evidence.experimental_support   none 
_pdbx_struct_assembly_auth_evidence.details                ? 
# 
loop_
_pdbx_struct_oper_list.id 
_pdbx_struct_oper_list.type 
_pdbx_struct_oper_list.name 
_pdbx_struct_oper_list.symmetry_operation 
_pdbx_struct_oper_list.matrix[1][1] 
_pdbx_struct_oper_list.matrix[1][2] 
_pdbx_struct_oper_list.matrix[1][3] 
_pdbx_struct_oper_list.vector[1] 
_pdbx_struct_oper_list.matrix[2][1] 
_pdbx_struct_oper_list.matrix[2][2] 
_pdbx_struct_oper_list.matrix[2][3] 
_pdbx_struct_oper_list.vector[2] 
_pdbx_struct_oper_list.matrix[3][1] 
_pdbx_struct_oper_list.matrix[3][2] 
_pdbx_struct_oper_list.matrix[3][3] 
_pdbx_struct_oper_list.vector[3] 
1  'identity operation'         1_555  x,y,z       1.0000000000  0.0000000000  0.0000000000  0.0000000000   0.0000000000  1.0000000000  0.0000000000  0.0000000000   0.0000000000  0.0000000000  1.0000000000  0.0000000000  
2  'crystal symmetry operation' 2_665  -x+1,-y+1,z -0.4667319335 0.4003660321  0.7885862937  -18.6861020320 0.4003660321  -0.6994139163 0.5920533878  -4.5645150397  0.7885862937  0.5920533878  0.1661458498  14.9535673777 
3  'crystal symmetry operation' 3_656  -x+1,y,-z+1 -0.8882395631 -0.4356883428 0.1456233032  -9.2198537275  -0.4356883428 0.6984931105  -0.5676997821 7.3728775426   0.1456233032  -0.5676997821 -0.8102535473 29.1347029243 
4  'crystal symmetry operation' 4_566  x,-y+1,-z+1 0.3549714967  0.0353223107  -0.9342095969 11.5441752480  0.0353223107  -0.9990791942 -0.0243536057 3.8367751207   -0.9342095969 -0.0243536057 -0.3558923025 16.8886642022 
5  'crystal symmetry operation' 5_555  z,x,y       -0.4975262075 -0.8000219231 -0.3353097007 0.3150545803   0.8390830581  -0.3458063624 -0.4199494985 12.0697985964  0.2200165776  -0.4902885704 0.8433325698  4.1027494011  
6  'crystal symmetry operation' 6_566  z,-x+1,-y+1 -0.3525108683 0.1618326285  -0.9217083531 8.2495159556   -0.8612423978 0.3291696135  0.3871807042  -8.3106978207  0.3660568534  0.9302997183  0.0233412548  14.8402571424 
7  'crystal symmetry operation' 7_665  -z+1,-x+1,y 0.7416537809  -0.1516881887 0.6534067361  -10.7654387488 -0.6557974012 -0.3687168299 0.6587698140  -10.4511163099 0.1409944606  -0.9170815628 -0.3729369509 23.0296350369 
8  'crystal symmetry operation' 8_656  -z+1,x,-y+1 0.1083832949  0.7898774833  0.6036113177  -14.1609122985 0.6779567409  0.3853535788  -0.6260010198 13.3371531577  -0.7270678915 0.4770704148  -0.4937368737 19.0042929237 
9  'crystal symmetry operation' 9_555  y,z,x       -0.4975262075 0.8390830581  0.2200165776  -10.8734884888 -0.8000219231 -0.3458063624 -0.4902885704 6.4373948567   -0.3353097007 -0.4199494985 0.8433325698  1.7143645287  
10 'crystal symmetry operation' 10_656 -y+1,z,-x+1 0.7416537809  -0.6557974012 0.1409944606  -2.1166375340  -0.1516881887 -0.3687168299 -0.9170815628 15.6335613101  0.6534067361  0.6587698140  -0.3729369509 22.5076920145 
11 'crystal symmetry operation' 11_566 y,-z+1,-x+1 0.1083832949  0.6779567409  -0.7270678915 6.3102046310   0.7898774833  0.3853535788  0.4770704148  -3.0205198419  0.6036113177  -0.6260010198 -0.4937368737 26.2798785843 
12 'crystal symmetry operation' 12_665 -y+1,-z+1,x -0.3525108683 -0.8612423978 0.3660568534  -9.6818591196  0.1618326285  0.3291696135  0.9302997183  -12.4052987014 -0.9217083531 0.3871807042  0.0233412548  10.4749993766  
# 
loop_
_struct_conn.id 
_struct_conn.conn_type_id 
_struct_conn.pdbx_leaving_atom_flag 
_struct_conn.pdbx_PDB_id 
_struct_conn.ptnr1_label_asym_id 
_struct_conn.ptnr1_label_comp_id 
_struct_conn.ptnr1_label_seq_id 
_struct_conn.ptnr1_label_atom_id 
_struct_conn.pdbx_ptnr1_label_alt_id 
_struct_conn.pdbx_ptnr1_PDB_ins_code 
_struct_conn.pdbx_ptnr1_standard_comp_id 
_struct_conn.ptnr1_symmetry 
_struct_conn.ptnr2_label_asym_id 
_struct_conn.ptnr2_label_comp_id 
_struct_conn.ptnr2_label_seq_id 
_struct_conn.ptnr2_label_atom_id 
_struct_conn.pdbx_ptnr2_label_alt_id 
_struct_conn.pdbx_ptnr2_PDB_ins_code 
_struct_conn.ptnr1_auth_asym_id 
_struct_conn.ptnr1_auth_comp_id 
_struct_conn.ptnr1_auth_seq_id 
_struct_conn.ptnr2_auth_asym_id 
_struct_conn.ptnr2_auth_comp_id 
_struct_conn.ptnr2_auth_seq_id 
_struct_conn.ptnr2_symmetry 
_struct_conn.pdbx_ptnr3_label_atom_id 
_struct_conn.pdbx_ptnr3_label_seq_id 
_struct_conn.pdbx_ptnr3_label_comp_id 
_struct_conn.pdbx_ptnr3_label_asym_id 
_struct_conn.pdbx_ptnr3_label_alt_id 
_struct_conn.pdbx_ptnr3_PDB_ins_code 
_struct_conn.details 
_struct_conn.pdbx_dist_value 
_struct_conn.pdbx_value_order 
_struct_conn.pdbx_role 
covale1  covale both ? A ORN 1  C  ? ? ? 1_555 A LEU 2  N  ? ? A ORN 1  A LEU 2  1_555 ? ? ? ? ? ? ? 1.372 ? ? 
covale2  covale both ? A ORN 1  NE ? ? ? 1_555 A VAL 16 C  ? ? A ORN 1  A VAL 16 1_555 ? ? ? ? ? ? ? 1.377 ? ? 
covale3  covale both ? A VAL 3  C  ? ? ? 1_555 A PHI 4  N  ? ? A VAL 3  A PHI 4  1_555 ? ? ? ? ? ? ? 1.329 ? ? 
covale4  covale both ? A PHI 4  C  ? ? ? 1_555 A PHE 5  N  ? ? A PHI 4  A PHE 5  1_555 ? ? ? ? ? ? ? 1.327 ? ? 
covale5  covale both ? A ASP 8  C  ? ? ? 1_555 A ORN 9  NE ? ? A ASP 8  A ORN 9  1_555 ? ? ? ? ? ? ? 1.378 ? ? 
covale6  covale both ? A ORN 9  C  ? ? ? 1_555 A ALA 10 N  ? ? A ORN 9  A ALA 10 1_555 ? ? ? ? ? ? ? 1.370 ? ? 
covale7  covale both ? A ILE 12 C  ? ? ? 1_555 A EZY 13 N  ? ? A ILE 12 A EZY 13 1_555 ? ? ? ? ? ? ? 1.333 ? ? 
covale8  covale both ? A EZY 13 C  ? ? ? 1_555 A LEU 14 N  ? ? A EZY 13 A LEU 14 1_555 ? ? ? ? ? ? ? 1.329 ? ? 
covale9  covale both ? A LEU 14 C  ? ? ? 1_555 A ORN 15 N  ? ? A LEU 14 A ORN 15 1_555 ? ? ? ? ? ? ? 1.332 ? ? 
covale10 covale both ? A ORN 15 C  ? ? ? 1_555 A VAL 16 N  ? ? A ORN 15 A VAL 16 1_555 ? ? ? ? ? ? ? 1.340 ? ? 
# 
_struct_conn_type.id          covale 
_struct_conn_type.criteria    ? 
_struct_conn_type.reference   ? 
# 
loop_
_pdbx_modification_feature.ordinal 
_pdbx_modification_feature.label_comp_id 
_pdbx_modification_feature.label_asym_id 
_pdbx_modification_feature.label_seq_id 
_pdbx_modification_feature.label_alt_id 
_pdbx_modification_feature.modified_residue_label_comp_id 
_pdbx_modification_feature.modified_residue_label_asym_id 
_pdbx_modification_feature.modified_residue_label_seq_id 
_pdbx_modification_feature.modified_residue_label_alt_id 
_pdbx_modification_feature.auth_comp_id 
_pdbx_modification_feature.auth_asym_id 
_pdbx_modification_feature.auth_seq_id 
_pdbx_modification_feature.PDB_ins_code 
_pdbx_modification_feature.symmetry 
_pdbx_modification_feature.modified_residue_auth_comp_id 
_pdbx_modification_feature.modified_residue_auth_asym_id 
_pdbx_modification_feature.modified_residue_auth_seq_id 
_pdbx_modification_feature.modified_residue_PDB_ins_code 
_pdbx_modification_feature.modified_residue_symmetry 
_pdbx_modification_feature.comp_id_linking_atom 
_pdbx_modification_feature.modified_residue_id_linking_atom 
_pdbx_modification_feature.modified_residue_id 
_pdbx_modification_feature.ref_pcm_id 
_pdbx_modification_feature.ref_comp_id 
_pdbx_modification_feature.type 
_pdbx_modification_feature.category 
1 ORN A 1  ? .   . .  . ORN A 1  ? 1_555 .   . .  . .     .  .  ?   1 ORN Ornithine  'Named protein modification' 
2 PHI A 4  ? .   . .  . PHI A 4  ? 1_555 .   . .  . .     .  .  PHE 1 PHI Iodination 'Named protein modification' 
3 ORN A 9  ? .   . .  . ORN A 9  ? 1_555 .   . .  . .     .  .  ?   1 ORN Ornithine  'Named protein modification' 
4 ORN A 15 ? .   . .  . ORN A 15 ? 1_555 .   . .  . .     .  .  ?   1 ORN Ornithine  'Named protein modification' 
5 EZY A 13 ? .   . .  . EZY A 13 ? 1_555 .   . .  . .     .  .  GLY 1 EZY None       'Non-standard residue'       
6 ORN A 1  ? VAL A 16 ? ORN A 1  ? 1_555 VAL A 16 ? 1_555 NE C  .   . .   None       'Non-standard linkage'       
7 ASP A 8  ? ORN A 9  ? ASP A 8  ? 1_555 ORN A 9  ? 1_555 C  NE .   . .   None       'Non-standard linkage'       
# 
_struct_sheet.id               AA1 
_struct_sheet.type             ? 
_struct_sheet.number_strands   2 
_struct_sheet.details          ? 
# 
_struct_sheet_order.sheet_id     AA1 
_struct_sheet_order.range_id_1   1 
_struct_sheet_order.range_id_2   2 
_struct_sheet_order.offset       ? 
_struct_sheet_order.sense        anti-parallel 
# 
loop_
_struct_sheet_range.sheet_id 
_struct_sheet_range.id 
_struct_sheet_range.beg_label_comp_id 
_struct_sheet_range.beg_label_asym_id 
_struct_sheet_range.beg_label_seq_id 
_struct_sheet_range.pdbx_beg_PDB_ins_code 
_struct_sheet_range.end_label_comp_id 
_struct_sheet_range.end_label_asym_id 
_struct_sheet_range.end_label_seq_id 
_struct_sheet_range.pdbx_end_PDB_ins_code 
_struct_sheet_range.beg_auth_comp_id 
_struct_sheet_range.beg_auth_asym_id 
_struct_sheet_range.beg_auth_seq_id 
_struct_sheet_range.end_auth_comp_id 
_struct_sheet_range.end_auth_asym_id 
_struct_sheet_range.end_auth_seq_id 
AA1 1 LEU A 2  ? GLU A 7  ? LEU A 2  GLU A 7  
AA1 2 ILE A 11 ? VAL A 16 ? ILE A 11 VAL A 16 
# 
_pdbx_struct_sheet_hbond.sheet_id                AA1 
_pdbx_struct_sheet_hbond.range_id_1              1 
_pdbx_struct_sheet_hbond.range_id_2              2 
_pdbx_struct_sheet_hbond.range_1_label_atom_id   N 
_pdbx_struct_sheet_hbond.range_1_label_comp_id   LEU 
_pdbx_struct_sheet_hbond.range_1_label_asym_id   A 
_pdbx_struct_sheet_hbond.range_1_label_seq_id    2 
_pdbx_struct_sheet_hbond.range_1_PDB_ins_code    ? 
_pdbx_struct_sheet_hbond.range_1_auth_atom_id    N 
_pdbx_struct_sheet_hbond.range_1_auth_comp_id    LEU 
_pdbx_struct_sheet_hbond.range_1_auth_asym_id    A 
_pdbx_struct_sheet_hbond.range_1_auth_seq_id     2 
_pdbx_struct_sheet_hbond.range_2_label_atom_id   O 
_pdbx_struct_sheet_hbond.range_2_label_comp_id   VAL 
_pdbx_struct_sheet_hbond.range_2_label_asym_id   A 
_pdbx_struct_sheet_hbond.range_2_label_seq_id    16 
_pdbx_struct_sheet_hbond.range_2_PDB_ins_code    ? 
_pdbx_struct_sheet_hbond.range_2_auth_atom_id    O 
_pdbx_struct_sheet_hbond.range_2_auth_comp_id    VAL 
_pdbx_struct_sheet_hbond.range_2_auth_asym_id    A 
_pdbx_struct_sheet_hbond.range_2_auth_seq_id     16 
# 
_pdbx_entry_details.entry_id                   6CG3 
_pdbx_entry_details.compound_details           ? 
_pdbx_entry_details.source_details             ? 
_pdbx_entry_details.nonpolymer_details         ? 
_pdbx_entry_details.sequence_details           ? 
_pdbx_entry_details.has_ligand_of_interest     ? 
_pdbx_entry_details.has_protein_modification   Y 
# 
loop_
_pdbx_validate_symm_contact.id 
_pdbx_validate_symm_contact.PDB_model_num 
_pdbx_validate_symm_contact.auth_atom_id_1 
_pdbx_validate_symm_contact.auth_asym_id_1 
_pdbx_validate_symm_contact.auth_comp_id_1 
_pdbx_validate_symm_contact.auth_seq_id_1 
_pdbx_validate_symm_contact.PDB_ins_code_1 
_pdbx_validate_symm_contact.label_alt_id_1 
_pdbx_validate_symm_contact.site_symmetry_1 
_pdbx_validate_symm_contact.auth_atom_id_2 
_pdbx_validate_symm_contact.auth_asym_id_2 
_pdbx_validate_symm_contact.auth_comp_id_2 
_pdbx_validate_symm_contact.auth_seq_id_2 
_pdbx_validate_symm_contact.PDB_ins_code_2 
_pdbx_validate_symm_contact.label_alt_id_2 
_pdbx_validate_symm_contact.site_symmetry_2 
_pdbx_validate_symm_contact.dist 
1 1 O A HOH 106 ? ? 1_555 O A HOH 106 ? ? 5_555 2.01 
2 1 O A HOH 105 ? ? 1_555 O A HOH 105 ? ? 4_566 2.11 
# 
_pdbx_struct_special_symmetry.id              1 
_pdbx_struct_special_symmetry.PDB_model_num   1 
_pdbx_struct_special_symmetry.auth_asym_id    A 
_pdbx_struct_special_symmetry.auth_comp_id    HOH 
_pdbx_struct_special_symmetry.auth_seq_id     110 
_pdbx_struct_special_symmetry.PDB_ins_code    ? 
_pdbx_struct_special_symmetry.label_asym_id   B 
_pdbx_struct_special_symmetry.label_comp_id   HOH 
_pdbx_struct_special_symmetry.label_seq_id    . 
# 
_pdbx_refine_tls.pdbx_refine_id   'X-RAY DIFFRACTION' 
_pdbx_refine_tls.id               1 
_pdbx_refine_tls.details          ? 
_pdbx_refine_tls.method           refined 
_pdbx_refine_tls.origin_x         -0.6966 
_pdbx_refine_tls.origin_y         -0.1115 
_pdbx_refine_tls.origin_z         0.4344 
_pdbx_refine_tls.T[1][1]          0.1819 
_pdbx_refine_tls.T[2][2]          0.2637 
_pdbx_refine_tls.T[3][3]          0.1527 
_pdbx_refine_tls.T[1][2]          -0.0021 
_pdbx_refine_tls.T[1][3]          0.0122 
_pdbx_refine_tls.T[2][3]          0.0331 
_pdbx_refine_tls.L[1][1]          1.9574 
_pdbx_refine_tls.L[2][2]          2.9073 
_pdbx_refine_tls.L[3][3]          1.6324 
_pdbx_refine_tls.L[1][2]          0.5407 
_pdbx_refine_tls.L[1][3]          0.5809 
_pdbx_refine_tls.L[2][3]          -0.3981 
_pdbx_refine_tls.S[1][1]          0.2581 
_pdbx_refine_tls.S[1][2]          -0.4884 
_pdbx_refine_tls.S[1][3]          -0.3732 
_pdbx_refine_tls.S[2][1]          0.3975 
_pdbx_refine_tls.S[2][2]          -0.0290 
_pdbx_refine_tls.S[2][3]          0.1876 
_pdbx_refine_tls.S[3][1]          0.2781 
_pdbx_refine_tls.S[3][2]          -0.0329 
_pdbx_refine_tls.S[3][3]          -0.1289 
# 
_pdbx_refine_tls_group.pdbx_refine_id      'X-RAY DIFFRACTION' 
_pdbx_refine_tls_group.id                  1 
_pdbx_refine_tls_group.refine_tls_id       1 
_pdbx_refine_tls_group.beg_auth_asym_id    ? 
_pdbx_refine_tls_group.beg_auth_seq_id     ? 
_pdbx_refine_tls_group.beg_label_asym_id   ? 
_pdbx_refine_tls_group.beg_label_seq_id    ? 
_pdbx_refine_tls_group.end_auth_asym_id    ? 
_pdbx_refine_tls_group.end_auth_seq_id     ? 
_pdbx_refine_tls_group.end_label_asym_id   ? 
_pdbx_refine_tls_group.end_label_seq_id    ? 
_pdbx_refine_tls_group.selection           ? 
_pdbx_refine_tls_group.selection_details   
;chain 'A' and (resid 1 through 16 )
;
# 
loop_
_chem_comp_atom.comp_id 
_chem_comp_atom.atom_id 
_chem_comp_atom.type_symbol 
_chem_comp_atom.pdbx_aromatic_flag 
_chem_comp_atom.pdbx_stereo_config 
_chem_comp_atom.pdbx_ordinal 
ALA N    N N N 1   
ALA CA   C N S 2   
ALA C    C N N 3   
ALA O    O N N 4   
ALA CB   C N N 5   
ALA OXT  O N N 6   
ALA H    H N N 7   
ALA H2   H N N 8   
ALA HA   H N N 9   
ALA HB1  H N N 10  
ALA HB2  H N N 11  
ALA HB3  H N N 12  
ALA HXT  H N N 13  
ASP N    N N N 14  
ASP CA   C N S 15  
ASP C    C N N 16  
ASP O    O N N 17  
ASP CB   C N N 18  
ASP CG   C N N 19  
ASP OD1  O N N 20  
ASP OD2  O N N 21  
ASP OXT  O N N 22  
ASP H    H N N 23  
ASP H2   H N N 24  
ASP HA   H N N 25  
ASP HB2  H N N 26  
ASP HB3  H N N 27  
ASP HD2  H N N 28  
ASP HXT  H N N 29  
EZY N    N N N 30  
EZY CA   C N N 31  
EZY C    C N N 32  
EZY O    O N N 33  
EZY C01  C N N 34  
EZY C02  C Y N 35  
EZY C03  C Y N 36  
EZY C04  C Y N 37  
EZY C05  C Y N 38  
EZY C06  C Y N 39  
EZY C07  C Y N 40  
EZY N01  N N N 41  
EZY O01  O N N 42  
EZY O02  O N N 43  
EZY H    H N N 44  
EZY HA2  H N N 45  
EZY HA3  H N N 46  
EZY H08  H N N 47  
EZY H05  H N N 48  
EZY H14  H N N 49  
EZY H10  H N N 50  
EZY H11  H N N 51  
EZY H12  H N N 52  
EZY OXT  O N N 53  
EZY HXT  H N N 54  
GLU N    N N N 55  
GLU CA   C N S 56  
GLU C    C N N 57  
GLU O    O N N 58  
GLU CB   C N N 59  
GLU CG   C N N 60  
GLU CD   C N N 61  
GLU OE1  O N N 62  
GLU OE2  O N N 63  
GLU OXT  O N N 64  
GLU H    H N N 65  
GLU H2   H N N 66  
GLU HA   H N N 67  
GLU HB2  H N N 68  
GLU HB3  H N N 69  
GLU HG2  H N N 70  
GLU HG3  H N N 71  
GLU HE2  H N N 72  
GLU HXT  H N N 73  
HOH O    O N N 74  
HOH H1   H N N 75  
HOH H2   H N N 76  
ILE N    N N N 77  
ILE CA   C N S 78  
ILE C    C N N 79  
ILE O    O N N 80  
ILE CB   C N S 81  
ILE CG1  C N N 82  
ILE CG2  C N N 83  
ILE CD1  C N N 84  
ILE OXT  O N N 85  
ILE H    H N N 86  
ILE H2   H N N 87  
ILE HA   H N N 88  
ILE HB   H N N 89  
ILE HG12 H N N 90  
ILE HG13 H N N 91  
ILE HG21 H N N 92  
ILE HG22 H N N 93  
ILE HG23 H N N 94  
ILE HD11 H N N 95  
ILE HD12 H N N 96  
ILE HD13 H N N 97  
ILE HXT  H N N 98  
LEU N    N N N 99  
LEU CA   C N S 100 
LEU C    C N N 101 
LEU O    O N N 102 
LEU CB   C N N 103 
LEU CG   C N N 104 
LEU CD1  C N N 105 
LEU CD2  C N N 106 
LEU OXT  O N N 107 
LEU H    H N N 108 
LEU H2   H N N 109 
LEU HA   H N N 110 
LEU HB2  H N N 111 
LEU HB3  H N N 112 
LEU HG   H N N 113 
LEU HD11 H N N 114 
LEU HD12 H N N 115 
LEU HD13 H N N 116 
LEU HD21 H N N 117 
LEU HD22 H N N 118 
LEU HD23 H N N 119 
LEU HXT  H N N 120 
ORN N    N N N 121 
ORN CA   C N S 122 
ORN CB   C N N 123 
ORN CG   C N N 124 
ORN CD   C N N 125 
ORN NE   N N N 126 
ORN C    C N N 127 
ORN O    O N N 128 
ORN OXT  O N N 129 
ORN H    H N N 130 
ORN H2   H N N 131 
ORN HA   H N N 132 
ORN HB2  H N N 133 
ORN HB3  H N N 134 
ORN HG2  H N N 135 
ORN HG3  H N N 136 
ORN HD2  H N N 137 
ORN HD3  H N N 138 
ORN HE1  H N N 139 
ORN HE2  H N N 140 
ORN HXT  H N N 141 
PHE N    N N N 142 
PHE CA   C N S 143 
PHE C    C N N 144 
PHE O    O N N 145 
PHE CB   C N N 146 
PHE CG   C Y N 147 
PHE CD1  C Y N 148 
PHE CD2  C Y N 149 
PHE CE1  C Y N 150 
PHE CE2  C Y N 151 
PHE CZ   C Y N 152 
PHE OXT  O N N 153 
PHE H    H N N 154 
PHE H2   H N N 155 
PHE HA   H N N 156 
PHE HB2  H N N 157 
PHE HB3  H N N 158 
PHE HD1  H N N 159 
PHE HD2  H N N 160 
PHE HE1  H N N 161 
PHE HE2  H N N 162 
PHE HZ   H N N 163 
PHE HXT  H N N 164 
PHI N    N N N 165 
PHI CA   C N S 166 
PHI CB   C N N 167 
PHI CG   C Y N 168 
PHI CD1  C Y N 169 
PHI CD2  C Y N 170 
PHI CE1  C Y N 171 
PHI CE2  C Y N 172 
PHI CZ   C Y N 173 
PHI I    I N N 174 
PHI C    C N N 175 
PHI O    O N N 176 
PHI OXT  O N N 177 
PHI H    H N N 178 
PHI H2   H N N 179 
PHI HA   H N N 180 
PHI HB2  H N N 181 
PHI HB3  H N N 182 
PHI HD1  H N N 183 
PHI HD2  H N N 184 
PHI HE1  H N N 185 
PHI HE2  H N N 186 
PHI HXT  H N N 187 
VAL N    N N N 188 
VAL CA   C N S 189 
VAL C    C N N 190 
VAL O    O N N 191 
VAL CB   C N N 192 
VAL CG1  C N N 193 
VAL CG2  C N N 194 
VAL OXT  O N N 195 
VAL H    H N N 196 
VAL H2   H N N 197 
VAL HA   H N N 198 
VAL HB   H N N 199 
VAL HG11 H N N 200 
VAL HG12 H N N 201 
VAL HG13 H N N 202 
VAL HG21 H N N 203 
VAL HG22 H N N 204 
VAL HG23 H N N 205 
VAL HXT  H N N 206 
# 
loop_
_chem_comp_bond.comp_id 
_chem_comp_bond.atom_id_1 
_chem_comp_bond.atom_id_2 
_chem_comp_bond.value_order 
_chem_comp_bond.pdbx_aromatic_flag 
_chem_comp_bond.pdbx_stereo_config 
_chem_comp_bond.pdbx_ordinal 
ALA N   CA   sing N N 1   
ALA N   H    sing N N 2   
ALA N   H2   sing N N 3   
ALA CA  C    sing N N 4   
ALA CA  CB   sing N N 5   
ALA CA  HA   sing N N 6   
ALA C   O    doub N N 7   
ALA C   OXT  sing N N 8   
ALA CB  HB1  sing N N 9   
ALA CB  HB2  sing N N 10  
ALA CB  HB3  sing N N 11  
ALA OXT HXT  sing N N 12  
ASP N   CA   sing N N 13  
ASP N   H    sing N N 14  
ASP N   H2   sing N N 15  
ASP CA  C    sing N N 16  
ASP CA  CB   sing N N 17  
ASP CA  HA   sing N N 18  
ASP C   O    doub N N 19  
ASP C   OXT  sing N N 20  
ASP CB  CG   sing N N 21  
ASP CB  HB2  sing N N 22  
ASP CB  HB3  sing N N 23  
ASP CG  OD1  doub N N 24  
ASP CG  OD2  sing N N 25  
ASP OD2 HD2  sing N N 26  
ASP OXT HXT  sing N N 27  
EZY C04 C03  doub Y N 28  
EZY C04 C05  sing Y N 29  
EZY C03 C02  sing Y N 30  
EZY O01 N01  doub N N 31  
EZY C05 C06  doub Y N 32  
EZY C02 N01  sing N N 33  
EZY C02 C07  doub Y N 34  
EZY N01 O02  sing N N 35  
EZY C06 C07  sing Y N 36  
EZY C07 C01  sing N N 37  
EZY C01 N    sing N N 38  
EZY CA  N    sing N N 39  
EZY CA  C    sing N N 40  
EZY C   O    doub N N 41  
EZY N   H    sing N N 42  
EZY CA  HA2  sing N N 43  
EZY CA  HA3  sing N N 44  
EZY C01 H08  sing N N 45  
EZY C01 H05  sing N N 46  
EZY C03 H14  sing N N 47  
EZY C04 H10  sing N N 48  
EZY C05 H11  sing N N 49  
EZY C06 H12  sing N N 50  
EZY C   OXT  sing N N 51  
EZY OXT HXT  sing N N 52  
GLU N   CA   sing N N 53  
GLU N   H    sing N N 54  
GLU N   H2   sing N N 55  
GLU CA  C    sing N N 56  
GLU CA  CB   sing N N 57  
GLU CA  HA   sing N N 58  
GLU C   O    doub N N 59  
GLU C   OXT  sing N N 60  
GLU CB  CG   sing N N 61  
GLU CB  HB2  sing N N 62  
GLU CB  HB3  sing N N 63  
GLU CG  CD   sing N N 64  
GLU CG  HG2  sing N N 65  
GLU CG  HG3  sing N N 66  
GLU CD  OE1  doub N N 67  
GLU CD  OE2  sing N N 68  
GLU OE2 HE2  sing N N 69  
GLU OXT HXT  sing N N 70  
HOH O   H1   sing N N 71  
HOH O   H2   sing N N 72  
ILE N   CA   sing N N 73  
ILE N   H    sing N N 74  
ILE N   H2   sing N N 75  
ILE CA  C    sing N N 76  
ILE CA  CB   sing N N 77  
ILE CA  HA   sing N N 78  
ILE C   O    doub N N 79  
ILE C   OXT  sing N N 80  
ILE CB  CG1  sing N N 81  
ILE CB  CG2  sing N N 82  
ILE CB  HB   sing N N 83  
ILE CG1 CD1  sing N N 84  
ILE CG1 HG12 sing N N 85  
ILE CG1 HG13 sing N N 86  
ILE CG2 HG21 sing N N 87  
ILE CG2 HG22 sing N N 88  
ILE CG2 HG23 sing N N 89  
ILE CD1 HD11 sing N N 90  
ILE CD1 HD12 sing N N 91  
ILE CD1 HD13 sing N N 92  
ILE OXT HXT  sing N N 93  
LEU N   CA   sing N N 94  
LEU N   H    sing N N 95  
LEU N   H2   sing N N 96  
LEU CA  C    sing N N 97  
LEU CA  CB   sing N N 98  
LEU CA  HA   sing N N 99  
LEU C   O    doub N N 100 
LEU C   OXT  sing N N 101 
LEU CB  CG   sing N N 102 
LEU CB  HB2  sing N N 103 
LEU CB  HB3  sing N N 104 
LEU CG  CD1  sing N N 105 
LEU CG  CD2  sing N N 106 
LEU CG  HG   sing N N 107 
LEU CD1 HD11 sing N N 108 
LEU CD1 HD12 sing N N 109 
LEU CD1 HD13 sing N N 110 
LEU CD2 HD21 sing N N 111 
LEU CD2 HD22 sing N N 112 
LEU CD2 HD23 sing N N 113 
LEU OXT HXT  sing N N 114 
ORN N   CA   sing N N 115 
ORN N   H    sing N N 116 
ORN N   H2   sing N N 117 
ORN CA  CB   sing N N 118 
ORN CA  C    sing N N 119 
ORN CA  HA   sing N N 120 
ORN CB  CG   sing N N 121 
ORN CB  HB2  sing N N 122 
ORN CB  HB3  sing N N 123 
ORN CG  CD   sing N N 124 
ORN CG  HG2  sing N N 125 
ORN CG  HG3  sing N N 126 
ORN CD  NE   sing N N 127 
ORN CD  HD2  sing N N 128 
ORN CD  HD3  sing N N 129 
ORN NE  HE1  sing N N 130 
ORN NE  HE2  sing N N 131 
ORN C   O    doub N N 132 
ORN C   OXT  sing N N 133 
ORN OXT HXT  sing N N 134 
PHE N   CA   sing N N 135 
PHE N   H    sing N N 136 
PHE N   H2   sing N N 137 
PHE CA  C    sing N N 138 
PHE CA  CB   sing N N 139 
PHE CA  HA   sing N N 140 
PHE C   O    doub N N 141 
PHE C   OXT  sing N N 142 
PHE CB  CG   sing N N 143 
PHE CB  HB2  sing N N 144 
PHE CB  HB3  sing N N 145 
PHE CG  CD1  doub Y N 146 
PHE CG  CD2  sing Y N 147 
PHE CD1 CE1  sing Y N 148 
PHE CD1 HD1  sing N N 149 
PHE CD2 CE2  doub Y N 150 
PHE CD2 HD2  sing N N 151 
PHE CE1 CZ   doub Y N 152 
PHE CE1 HE1  sing N N 153 
PHE CE2 CZ   sing Y N 154 
PHE CE2 HE2  sing N N 155 
PHE CZ  HZ   sing N N 156 
PHE OXT HXT  sing N N 157 
PHI N   CA   sing N N 158 
PHI N   H    sing N N 159 
PHI N   H2   sing N N 160 
PHI CA  CB   sing N N 161 
PHI CA  C    sing N N 162 
PHI CA  HA   sing N N 163 
PHI CB  CG   sing N N 164 
PHI CB  HB2  sing N N 165 
PHI CB  HB3  sing N N 166 
PHI CG  CD1  doub Y N 167 
PHI CG  CD2  sing Y N 168 
PHI CD1 CE1  sing Y N 169 
PHI CD1 HD1  sing N N 170 
PHI CD2 CE2  doub Y N 171 
PHI CD2 HD2  sing N N 172 
PHI CE1 CZ   doub Y N 173 
PHI CE1 HE1  sing N N 174 
PHI CE2 CZ   sing Y N 175 
PHI CE2 HE2  sing N N 176 
PHI CZ  I    sing N N 177 
PHI C   O    doub N N 178 
PHI C   OXT  sing N N 179 
PHI OXT HXT  sing N N 180 
VAL N   CA   sing N N 181 
VAL N   H    sing N N 182 
VAL N   H2   sing N N 183 
VAL CA  C    sing N N 184 
VAL CA  CB   sing N N 185 
VAL CA  HA   sing N N 186 
VAL C   O    doub N N 187 
VAL C   OXT  sing N N 188 
VAL CB  CG1  sing N N 189 
VAL CB  CG2  sing N N 190 
VAL CB  HB   sing N N 191 
VAL CG1 HG11 sing N N 192 
VAL CG1 HG12 sing N N 193 
VAL CG1 HG13 sing N N 194 
VAL CG2 HG21 sing N N 195 
VAL CG2 HG22 sing N N 196 
VAL CG2 HG23 sing N N 197 
VAL OXT HXT  sing N N 198 
# 
_pdbx_audit_support.funding_organization   
'National Institutes of Health/National Institute of General Medical Sciences (NIH/NIGMS)' 
_pdbx_audit_support.country                'United States' 
_pdbx_audit_support.grant_number           GM097562 
_pdbx_audit_support.ordinal                1 
# 
_atom_sites.entry_id                    6CG3 
_atom_sites.fract_transf_matrix[1][1]   -0.01732698 
_atom_sites.fract_transf_matrix[1][2]   -0.00045169 
_atom_sites.fract_transf_matrix[1][3]   0.01194640 
_atom_sites.fract_transf_matrix[2][1]   0.00497625 
_atom_sites.fract_transf_matrix[2][2]   -0.01939946 
_atom_sites.fract_transf_matrix[2][3]   0.00648402 
_atom_sites.fract_transf_matrix[3][1]   0.01087002 
_atom_sites.fract_transf_matrix[3][2]   0.00816098 
_atom_sites.fract_transf_matrix[3][3]   0.01607438 
_atom_sites.fract_transf_vector[1]      0.247765 
_atom_sites.fract_transf_vector[2]      0.453742 
_atom_sites.fract_transf_vector[3]      0.285867 
# 
loop_
_atom_type.symbol 
C 
H 
I 
N 
O 
# 
loop_
_atom_site.group_PDB 
_atom_site.id 
_atom_site.type_symbol 
_atom_site.label_atom_id 
_atom_site.label_alt_id 
_atom_site.label_comp_id 
_atom_site.label_asym_id 
_atom_site.label_entity_id 
_atom_site.label_seq_id 
_atom_site.pdbx_PDB_ins_code 
_atom_site.Cartn_x 
_atom_site.Cartn_y 
_atom_site.Cartn_z 
_atom_site.occupancy 
_atom_site.B_iso_or_equiv 
_atom_site.pdbx_formal_charge 
_atom_site.auth_seq_id 
_atom_site.auth_comp_id 
_atom_site.auth_asym_id 
_atom_site.auth_atom_id 
_atom_site.pdbx_PDB_model_num 
HETATM 1   N N    . ORN A 1 1  ? -10.959 -7.528 0.564  1.00 29.53 1 1   ORN A N    1 
HETATM 2   C CA   . ORN A 1 1  ? -9.960  -6.865 1.440  1.00 27.17 ? 1   ORN A CA   1 
HETATM 3   C CB   . ORN A 1 1  ? -8.616  -7.615 1.391  1.00 26.07 ? 1   ORN A CB   1 
HETATM 4   C CG   . ORN A 1 1  ? -8.625  -8.979 2.091  1.00 28.09 ? 1   ORN A CG   1 
HETATM 5   C CD   . ORN A 1 1  ? -8.458  -8.905 3.623  1.00 29.45 ? 1   ORN A CD   1 
HETATM 6   N NE   . ORN A 1 1  ? -7.263  -8.173 4.028  1.00 30.27 ? 1   ORN A NE   1 
HETATM 7   C C    . ORN A 1 1  ? -9.720  -5.407 1.011  1.00 28.69 ? 1   ORN A C    1 
HETATM 8   O O    . ORN A 1 1  ? -9.941  -5.022 -0.141 1.00 26.53 ? 1   ORN A O    1 
HETATM 9   H H1   . ORN A 1 1  ? -11.783 -6.950 0.378  1.00 35.50 1 1   ORN A H1   1 
HETATM 10  H H2   . ORN A 1 1  ? -10.589 -7.775 -0.357 1.00 35.50 1 1   ORN A H2   1 
HETATM 11  H H3   . ORN A 1 1  ? -11.323 -8.402 0.952  1.00 35.50 1 1   ORN A H3   1 
HETATM 12  H HA   . ORN A 1 1  ? -10.399 -6.849 2.442  1.00 32.68 ? 1   ORN A HA   1 
HETATM 13  H HB2  . ORN A 1 1  ? -8.310  -7.761 0.346  1.00 30.93 ? 1   ORN A HB2  1 
HETATM 14  H HB3  . ORN A 1 1  ? -7.876  -6.996 1.918  1.00 30.93 ? 1   ORN A HB3  1 
HETATM 15  H HG2  . ORN A 1 1  ? -7.806  -9.585 1.685  1.00 33.35 ? 1   ORN A HG2  1 
HETATM 16  H HG3  . ORN A 1 1  ? -9.572  -9.480 1.864  1.00 33.35 ? 1   ORN A HG3  1 
HETATM 17  H HD2  . ORN A 1 1  ? -9.334  -8.403 4.045  1.00 34.99 ? 1   ORN A HD2  1 
HETATM 18  H HD3  . ORN A 1 1  ? -8.379  -9.925 4.010  1.00 34.99 ? 1   ORN A HD3  1 
HETATM 19  H HE1  . ORN A 1 1  ? -6.413  -8.728 4.110  1.00 36.39 ? 1   ORN A HE1  1 
ATOM   20  N N    . LEU A 1 2  ? -9.241  -4.577 1.993  1.00 25.89 ? 2   LEU A N    1 
ATOM   21  C CA   . LEU A 1 2  ? -8.932  -3.180 1.728  1.00 27.28 ? 2   LEU A CA   1 
ATOM   22  C C    . LEU A 1 2  ? -7.462  -3.098 1.364  1.00 21.49 ? 2   LEU A C    1 
ATOM   23  O O    . LEU A 1 2  ? -6.665  -3.909 1.831  1.00 22.00 ? 2   LEU A O    1 
ATOM   24  C CB   . LEU A 1 2  ? -9.230  -2.296 2.939  1.00 25.35 ? 2   LEU A CB   1 
ATOM   25  C CG   . LEU A 1 2  ? -10.687 -2.174 3.383  1.00 32.87 ? 2   LEU A CG   1 
ATOM   26  C CD1  . LEU A 1 2  ? -10.764 -1.290 4.621  1.00 32.33 ? 2   LEU A CD1  1 
ATOM   27  C CD2  . LEU A 1 2  ? -11.561 -1.622 2.264  1.00 30.61 ? 2   LEU A CD2  1 
ATOM   28  H H    . LEU A 1 2  ? -9.066  -4.829 2.797  1.00 31.14 ? 2   LEU A H    1 
ATOM   29  H HA   . LEU A 1 2  ? -9.458  -2.866 0.976  1.00 32.81 ? 2   LEU A HA   1 
ATOM   30  H HB2  . LEU A 1 2  ? -8.731  -2.645 3.695  1.00 30.50 ? 2   LEU A HB2  1 
ATOM   31  H HB3  . LEU A 1 2  ? -8.918  -1.399 2.740  1.00 30.50 ? 2   LEU A HB3  1 
ATOM   32  H HG   . LEU A 1 2  ? -11.021 -3.053 3.621  1.00 39.51 ? 2   LEU A HG   1 
ATOM   33  H HD11 . LEU A 1 2  ? -11.692 -1.216 4.898  1.00 38.87 ? 2   LEU A HD11 1 
ATOM   34  H HD12 . LEU A 1 2  ? -10.239 -1.693 5.330  1.00 38.87 ? 2   LEU A HD12 1 
ATOM   35  H HD13 . LEU A 1 2  ? -10.413 -0.413 4.404  1.00 38.87 ? 2   LEU A HD13 1 
ATOM   36  H HD21 . LEU A 1 2  ? -12.475 -1.559 2.581  1.00 36.80 ? 2   LEU A HD21 1 
ATOM   37  H HD22 . LEU A 1 2  ? -11.235 -0.745 2.013  1.00 36.80 ? 2   LEU A HD22 1 
ATOM   38  H HD23 . LEU A 1 2  ? -11.515 -2.223 1.503  1.00 36.80 ? 2   LEU A HD23 1 
ATOM   39  N N    . VAL A 1 3  ? -7.102  -2.129 0.529  1.00 19.83 ? 3   VAL A N    1 
ATOM   40  C CA   . VAL A 1 3  ? -5.702  -1.902 0.194  1.00 18.91 ? 3   VAL A CA   1 
ATOM   41  C C    . VAL A 1 3  ? -5.340  -0.459 0.507  1.00 17.73 ? 3   VAL A C    1 
ATOM   42  O O    . VAL A 1 3  ? -5.787  0.465  -0.174 1.00 16.90 ? 3   VAL A O    1 
ATOM   43  C CB   . VAL A 1 3  ? -5.407  -2.229 -1.284 1.00 19.35 ? 3   VAL A CB   1 
ATOM   44  C CG1  . VAL A 1 3  ? -3.918  -2.071 -1.580 1.00 17.83 ? 3   VAL A CG1  1 
ATOM   45  C CG2  . VAL A 1 3  ? -5.880  -3.635 -1.628 1.00 21.85 ? 3   VAL A CG2  1 
ATOM   46  H H    . VAL A 1 3  ? -7.649  -1.591 0.143  1.00 23.44 ? 3   VAL A H    1 
ATOM   47  H HA   . VAL A 1 3  ? -5.148  -2.477 0.745  1.00 22.76 ? 3   VAL A HA   1 
ATOM   48  H HB   . VAL A 1 3  ? -5.891  -1.605 -1.847 1.00 23.30 ? 3   VAL A HB   1 
ATOM   49  H HG11 . VAL A 1 3  ? -3.757  -2.281 -2.513 1.00 21.46 ? 3   VAL A HG11 1 
ATOM   50  H HG12 . VAL A 1 3  ? -3.655  -1.156 -1.398 1.00 21.46 ? 3   VAL A HG12 1 
ATOM   51  H HG13 . VAL A 1 3  ? -3.417  -2.679 -1.013 1.00 21.46 ? 3   VAL A HG13 1 
ATOM   52  H HG21 . VAL A 1 3  ? -5.682  -3.814 -2.562 1.00 26.29 ? 3   VAL A HG21 1 
ATOM   53  H HG22 . VAL A 1 3  ? -5.413  -4.271 -1.064 1.00 26.29 ? 3   VAL A HG22 1 
ATOM   54  H HG23 . VAL A 1 3  ? -6.835  -3.693 -1.475 1.00 26.29 ? 3   VAL A HG23 1 
HETATM 55  N N    . PHI A 1 4  ? -4.535  -0.270 1.548  1.00 18.15 ? 4   PHI A N    1 
HETATM 56  C CA   . PHI A 1 4  ? -4.007  1.046  1.899  1.00 20.53 ? 4   PHI A CA   1 
HETATM 57  C CB   . PHI A 1 4  ? -3.623  1.154  3.395  1.00 20.50 ? 4   PHI A CB   1 
HETATM 58  C CG   . PHI A 1 4  ? -4.824  0.890  4.330  1.00 30.41 ? 4   PHI A CG   1 
HETATM 59  C CD1  . PHI A 1 4  ? -5.809  1.936  4.579  1.00 26.61 ? 4   PHI A CD1  1 
HETATM 60  C CD2  . PHI A 1 4  ? -4.937  -0.334 4.944  1.00 36.40 ? 4   PHI A CD2  1 
HETATM 61  C CE1  . PHI A 1 4  ? -6.856  1.692  5.416  1.00 27.46 ? 4   PHI A CE1  1 
HETATM 62  C CE2  . PHI A 1 4  ? -5.987  -0.577 5.783  1.00 29.37 ? 4   PHI A CE2  1 
HETATM 63  C CZ   . PHI A 1 4  ? -6.970  0.455  6.027  1.00 27.30 ? 4   PHI A CZ   1 
HETATM 64  I I    . PHI A 1 4  ? -8.581  0.056  7.335  1.00 33.03 ? 4   PHI A I    1 
HETATM 65  C C    . PHI A 1 4  ? -2.794  1.305  1.081  1.00 16.13 ? 4   PHI A C    1 
HETATM 66  O O    . PHI A 1 4  ? -2.198  0.340  0.471  1.00 19.04 ? 4   PHI A O    1 
HETATM 67  H H    . PHI A 1 4  ? -4.234  -0.934 2.146  1.00 21.42 ? 4   PHI A H    1 
HETATM 68  H HA   . PHI A 1 4  ? -4.672  1.716  1.696  1.00 24.71 ? 4   PHI A HA   1 
HETATM 69  H HB2  . PHI A 1 4  ? -2.957  0.539  3.583  1.00 24.67 ? 4   PHI A HB2  1 
HETATM 70  H HB3  . PHI A 1 4  ? -3.288  2.034  3.566  1.00 24.67 ? 4   PHI A HB3  1 
HETATM 71  H HD1  . PHI A 1 4  ? -5.723  2.792  4.151  1.00 32.01 ? 4   PHI A HD1  1 
HETATM 72  H HD2  . PHI A 1 4  ? -4.235  -1.067 4.768  1.00 43.76 ? 4   PHI A HD2  1 
HETATM 73  H HE1  . PHI A 1 4  ? -7.539  2.406  5.590  1.00 33.03 ? 4   PHI A HE1  1 
HETATM 74  H HE2  . PHI A 1 4  ? -6.079  -1.509 6.249  1.00 35.32 ? 4   PHI A HE2  1 
ATOM   75  N N    . PHE A 1 5  ? -2.367  2.561  1.045  1.00 19.80 ? 5   PHE A N    1 
ATOM   76  C CA   . PHE A 1 5  ? -1.204  2.940  0.259  1.00 14.17 ? 5   PHE A CA   1 
ATOM   77  C C    . PHE A 1 5  ? -0.175  3.672  1.113  1.00 16.28 ? 5   PHE A C    1 
ATOM   78  O O    . PHE A 1 5  ? -0.517  4.382  2.061  1.00 15.07 ? 5   PHE A O    1 
ATOM   79  C CB   . PHE A 1 5  ? -1.632  3.806  -0.924 1.00 13.02 ? 5   PHE A CB   1 
ATOM   80  C CG   . PHE A 1 5  ? -2.646  3.146  -1.811 1.00 14.18 ? 5   PHE A CG   1 
ATOM   81  C CD1  . PHE A 1 5  ? -2.268  2.137  -2.682 1.00 15.42 ? 5   PHE A CD1  1 
ATOM   82  C CD2  . PHE A 1 5  ? -3.974  3.528  -1.770 1.00 17.19 ? 5   PHE A CD2  1 
ATOM   83  C CE1  . PHE A 1 5  ? -3.198  1.522  -3.499 1.00 18.03 ? 5   PHE A CE1  1 
ATOM   84  C CE2  . PHE A 1 5  ? -4.911  2.917  -2.584 1.00 25.63 ? 5   PHE A CE2  1 
ATOM   85  C CZ   . PHE A 1 5  ? -4.523  1.914  -3.450 1.00 22.17 ? 5   PHE A CZ   1 
ATOM   86  H H    . PHE A 1 5  ? -2.734  3.213  1.469  1.00 23.83 ? 5   PHE A H    1 
ATOM   87  H HA   . PHE A 1 5  ? -0.786  2.138  -0.091 1.00 16.65 ? 5   PHE A HA   1 
ATOM   88  H HB2  . PHE A 1 5  ? -2.021  4.628  -0.587 1.00 15.27 ? 5   PHE A HB2  1 
ATOM   89  H HB3  . PHE A 1 5  ? -0.851  4.008  -1.463 1.00 15.27 ? 5   PHE A HB3  1 
ATOM   90  H HD1  . PHE A 1 5  ? -1.378  1.870  -2.718 1.00 18.58 ? 5   PHE A HD1  1 
ATOM   91  H HD2  . PHE A 1 5  ? -4.241  4.202  -1.189 1.00 20.69 ? 5   PHE A HD2  1 
ATOM   92  H HE1  . PHE A 1 5  ? -2.933  0.847  -4.080 1.00 21.70 ? 5   PHE A HE1  1 
ATOM   93  H HE2  . PHE A 1 5  ? -5.801  3.183  -2.549 1.00 30.83 ? 5   PHE A HE2  1 
ATOM   94  H HZ   . PHE A 1 5  ? -5.150  1.502  -3.998 1.00 26.68 ? 5   PHE A HZ   1 
ATOM   95  N N    . ALA A 1 6  ? 1.094   3.475  0.767  1.00 13.95 ? 6   ALA A N    1 
ATOM   96  C CA   . ALA A 1 6  ? 2.197   4.119  1.460  1.00 14.22 ? 6   ALA A CA   1 
ATOM   97  C C    . ALA A 1 6  ? 3.384   4.184  0.514  1.00 13.40 ? 6   ALA A C    1 
ATOM   98  O O    . ALA A 1 6  ? 3.654   3.229  -0.219 1.00 13.25 ? 6   ALA A O    1 
ATOM   99  C CB   . ALA A 1 6  ? 2.574   3.363  2.738  1.00 15.71 ? 6   ALA A CB   1 
ATOM   100 H H    . ALA A 1 6  ? 1.342   2.963  0.122  1.00 16.38 ? 6   ALA A H    1 
ATOM   101 H HA   . ALA A 1 6  ? 1.943   5.024  1.701  1.00 16.71 ? 6   ALA A HA   1 
ATOM   102 H HB1  . ALA A 1 6  ? 3.311   3.822  3.170  1.00 18.52 ? 6   ALA A HB1  1 
ATOM   103 H HB2  . ALA A 1 6  ? 1.806   3.339  3.329  1.00 18.52 ? 6   ALA A HB2  1 
ATOM   104 H HB3  . ALA A 1 6  ? 2.838   2.459  2.503  1.00 18.52 ? 6   ALA A HB3  1 
ATOM   105 N N    . GLU A 1 7  ? 4.081   5.313  0.526  1.00 19.26 ? 7   GLU A N    1 
ATOM   106 C CA   . GLU A 1 7  ? 5.314   5.446  -0.234 1.00 19.99 ? 7   GLU A CA   1 
ATOM   107 C C    . GLU A 1 7  ? 6.446   4.758  0.516  1.00 16.59 ? 7   GLU A C    1 
ATOM   108 O O    . GLU A 1 7  ? 6.627   4.977  1.717  1.00 21.25 ? 7   GLU A O    1 
ATOM   109 C CB   . GLU A 1 7  ? 5.648   6.919  -0.458 1.00 19.57 ? 7   GLU A CB   1 
ATOM   110 C CG   . GLU A 1 7  ? 6.786   7.161  -1.432 1.00 27.10 ? 7   GLU A CG   1 
ATOM   111 C CD   . GLU A 1 7  ? 7.273   8.597  -1.406 1.00 36.27 ? 7   GLU A CD   1 
ATOM   112 O OE1  . GLU A 1 7  ? 8.045   8.947  -0.489 1.00 38.29 ? 7   GLU A OE1  1 
ATOM   113 O OE2  . GLU A 1 7  ? 6.873   9.380  -2.292 1.00 37.91 ? 7   GLU A OE2  1 
ATOM   114 H H    . GLU A 1 7  ? 3.862   6.018  0.969  1.00 23.18 ? 7   GLU A H    1 
ATOM   115 H HA   . GLU A 1 7  ? 5.210   5.018  -1.098 1.00 24.06 ? 7   GLU A HA   1 
ATOM   116 H HB2  . GLU A 1 7  ? 4.861   7.367  -0.806 1.00 23.55 ? 7   GLU A HB2  1 
ATOM   117 H HB3  . GLU A 1 7  ? 5.899   7.314  0.393  1.00 23.55 ? 7   GLU A HB3  1 
ATOM   118 H HG2  . GLU A 1 7  ? 7.532   6.586  -1.199 1.00 32.59 ? 7   GLU A HG2  1 
ATOM   119 H HG3  . GLU A 1 7  ? 6.481   6.963  -2.331 1.00 32.59 ? 7   GLU A HG3  1 
ATOM   120 N N    . ASP A 1 8  ? 7.204   3.923  -0.188 1.00 14.20 ? 8   ASP A N    1 
ATOM   121 C CA   . ASP A 1 8  ? 8.345   3.236  0.415  1.00 19.99 ? 8   ASP A CA   1 
ATOM   122 C C    . ASP A 1 8  ? 9.513   3.174  -0.563 1.00 18.75 ? 8   ASP A C    1 
ATOM   123 O O    . ASP A 1 8  ? 9.443   2.488  -1.582 1.00 23.13 ? 8   ASP A O    1 
ATOM   124 C CB   . ASP A 1 8  ? 7.958   1.819  0.857  1.00 18.19 ? 8   ASP A CB   1 
ATOM   125 C CG   . ASP A 1 8  ? 9.076   1.113  1.613  1.00 24.94 ? 8   ASP A CG   1 
ATOM   126 O OD1  . ASP A 1 8  ? 10.061  1.781  1.991  1.00 20.83 ? 8   ASP A OD1  1 
ATOM   127 O OD2  . ASP A 1 8  ? 8.971   -0.114 1.828  1.00 21.64 ? 8   ASP A OD2  1 
ATOM   128 H H    . ASP A 1 8  ? 7.079   3.736  -1.018 1.00 17.12 ? 8   ASP A H    1 
ATOM   129 H HA   . ASP A 1 8  ? 8.634   3.728  1.199  1.00 24.06 ? 8   ASP A HA   1 
ATOM   130 H HB2  . ASP A 1 8  ? 7.185   1.871  1.442  1.00 21.90 ? 8   ASP A HB2  1 
ATOM   131 H HB3  . ASP A 1 8  ? 7.745   1.291  0.072  1.00 21.90 ? 8   ASP A HB3  1 
HETATM 132 N N    . ORN A 1 9  ? 12.054  4.412  -5.061 1.00 41.81 1 9   ORN A N    1 
HETATM 133 C CA   . ORN A 1 9  ? 10.894  4.012  -4.228 1.00 31.34 ? 9   ORN A CA   1 
HETATM 134 C CB   . ORN A 1 9  ? 10.655  5.034  -3.100 1.00 24.45 ? 9   ORN A CB   1 
HETATM 135 C CG   . ORN A 1 9  ? 11.797  5.120  -2.077 1.00 27.48 ? 9   ORN A CG   1 
HETATM 136 C CD   . ORN A 1 9  ? 11.808  3.940  -1.087 1.00 29.68 ? 9   ORN A CD   1 
HETATM 137 N NE   . ORN A 1 9  ? 10.622  3.924  -0.241 1.00 24.47 ? 9   ORN A NE   1 
HETATM 138 C C    . ORN A 1 9  ? 9.611   3.880  -5.082 1.00 25.65 ? 9   ORN A C    1 
HETATM 139 O O    . ORN A 1 9  ? 9.611   4.058  -6.301 1.00 21.61 ? 9   ORN A O    1 
HETATM 140 H H2   . ORN A 1 9  ? 12.041  5.400  -5.325 1.00 50.24 1 9   ORN A H2   1 
HETATM 141 H H    . ORN A 1 9  ? 12.117  3.897  -5.943 1.00 50.24 1 9   ORN A H    1 
HETATM 142 H H3   . ORN A 1 9  ? 12.955  4.268  -4.598 1.00 50.24 1 9   ORN A H3   1 
HETATM 143 H HA   . ORN A 1 9  ? 11.136  3.017  -3.843 1.00 37.68 ? 9   ORN A HA   1 
HETATM 144 H HB2  . ORN A 1 9  ? 10.500  6.034  -3.530 1.00 29.41 ? 9   ORN A HB2  1 
HETATM 145 H HB3  . ORN A 1 9  ? 9.758   4.716  -2.551 1.00 29.41 ? 9   ORN A HB3  1 
HETATM 146 H HG2  . ORN A 1 9  ? 12.752  5.146  -2.613 1.00 33.05 ? 9   ORN A HG2  1 
HETATM 147 H HG3  . ORN A 1 9  ? 11.688  6.050  -1.507 1.00 33.05 ? 9   ORN A HG3  1 
HETATM 148 H HD2  . ORN A 1 9  ? 12.687  4.038  -0.443 1.00 35.68 ? 9   ORN A HD2  1 
HETATM 149 H HD3  . ORN A 1 9  ? 11.850  3.006  -1.654 1.00 35.68 ? 9   ORN A HD3  1 
HETATM 150 H HE1  . ORN A 1 9  ? 10.675  4.487  0.607  1.00 29.44 ? 9   ORN A HE1  1 
ATOM   151 N N    . ALA A 1 10 ? 8.480   3.555  -4.380 1.00 23.35 ? 10  ALA A N    1 
ATOM   152 C CA   . ALA A 1 10 ? 7.188   3.399  -5.025 1.00 17.82 ? 10  ALA A CA   1 
ATOM   153 C C    . ALA A 1 10 ? 6.099   3.501  -3.969 1.00 15.26 ? 10  ALA A C    1 
ATOM   154 O O    . ALA A 1 10 ? 6.384   3.516  -2.773 1.00 14.72 ? 10  ALA A O    1 
ATOM   155 C CB   . ALA A 1 10 ? 7.109   2.068  -5.756 1.00 18.72 ? 10  ALA A CB   1 
ATOM   156 H H    . ALA A 1 10 ? 8.460   3.432  -3.529 1.00 28.09 ? 10  ALA A H    1 
ATOM   157 H HA   . ALA A 1 10 ? 7.060   4.113  -5.669 1.00 21.46 ? 10  ALA A HA   1 
ATOM   158 H HB1  . ALA A 1 10 ? 6.238   1.991  -6.177 1.00 22.53 ? 10  ALA A HB1  1 
ATOM   159 H HB2  . ALA A 1 10 ? 7.807   2.037  -6.431 1.00 22.53 ? 10  ALA A HB2  1 
ATOM   160 H HB3  . ALA A 1 10 ? 7.234   1.349  -5.118 1.00 22.53 ? 10  ALA A HB3  1 
ATOM   161 N N    . ILE A 1 11 ? 4.849   3.590  -4.406 1.00 16.29 ? 11  ILE A N    1 
ATOM   162 C CA   . ILE A 1 11 ? 3.708   3.546  -3.502 1.00 17.75 ? 11  ILE A CA   1 
ATOM   163 C C    . ILE A 1 11 ? 3.197   2.111  -3.505 1.00 21.36 ? 11  ILE A C    1 
ATOM   164 O O    . ILE A 1 11 ? 2.713   1.611  -4.527 1.00 12.46 ? 11  ILE A O    1 
ATOM   165 C CB   . ILE A 1 11 ? 2.624   4.557  -3.905 1.00 19.10 ? 11  ILE A CB   1 
ATOM   166 C CG1  . ILE A 1 11 ? 3.125   5.980  -3.632 1.00 25.62 ? 11  ILE A CG1  1 
ATOM   167 C CG2  . ILE A 1 11 ? 1.321   4.286  -3.149 1.00 13.05 ? 11  ILE A CG2  1 
ATOM   168 C CD1  . ILE A 1 11 ? 2.215   7.070  -4.151 1.00 30.31 ? 11  ILE A CD1  1 
ATOM   169 H H    . ILE A 1 11 ? 4.632   3.677  -5.233 1.00 19.61 ? 11  ILE A H    1 
ATOM   170 H HA   . ILE A 1 11 ? 4.003   3.761  -2.603 1.00 21.38 ? 11  ILE A HA   1 
ATOM   171 H HB   . ILE A 1 11 ? 2.456   4.466  -4.856 1.00 22.99 ? 11  ILE A HB   1 
ATOM   172 H HG12 . ILE A 1 11 ? 3.212   6.099  -2.673 1.00 30.81 ? 11  ILE A HG12 1 
ATOM   173 H HG13 . ILE A 1 11 ? 3.991   6.091  -4.055 1.00 30.81 ? 11  ILE A HG13 1 
ATOM   174 H HG21 . ILE A 1 11 ? 0.657   4.938  -3.424 1.00 15.73 ? 11  ILE A HG21 1 
ATOM   175 H HG22 . ILE A 1 11 ? 1.014   3.391  -3.361 1.00 15.73 ? 11  ILE A HG22 1 
ATOM   176 H HG23 . ILE A 1 11 ? 1.487   4.364  -2.196 1.00 15.73 ? 11  ILE A HG23 1 
ATOM   177 H HD11 . ILE A 1 11 ? 2.605   7.933  -3.937 1.00 36.44 ? 11  ILE A HD11 1 
ATOM   178 H HD12 . ILE A 1 11 ? 2.127   6.976  -5.112 1.00 36.44 ? 11  ILE A HD12 1 
ATOM   179 H HD13 . ILE A 1 11 ? 1.348   6.985  -3.728 1.00 36.44 ? 11  ILE A HD13 1 
ATOM   180 N N    . ILE A 1 12 ? 3.317   1.448  -2.361 1.00 17.57 ? 12  ILE A N    1 
ATOM   181 C CA   . ILE A 1 12 ? 2.998   0.035  -2.244 1.00 13.60 ? 12  ILE A CA   1 
ATOM   182 C C    . ILE A 1 12 ? 1.613   -0.147 -1.632 1.00 17.36 ? 12  ILE A C    1 
ATOM   183 O O    . ILE A 1 12 ? 1.118   0.750  -0.944 1.00 16.22 ? 12  ILE A O    1 
ATOM   184 C CB   . ILE A 1 12 ? 4.062   -0.699 -1.400 1.00 16.09 ? 12  ILE A CB   1 
ATOM   185 C CG1  . ILE A 1 12 ? 4.129   -0.111 0.015  1.00 19.99 ? 12  ILE A CG1  1 
ATOM   186 C CG2  . ILE A 1 12 ? 5.426   -0.600 -2.064 1.00 17.85 ? 12  ILE A CG2  1 
ATOM   187 C CD1  . ILE A 1 12 ? 4.939   -0.937 0.991  1.00 24.84 ? 12  ILE A CD1  1 
ATOM   188 H H    . ILE A 1 12 ? 3.587   1.803  -1.625 1.00 21.16 ? 12  ILE A H    1 
ATOM   189 H HA   . ILE A 1 12 ? 2.990   -0.363 -3.129 1.00 16.03 ? 12  ILE A HA   1 
ATOM   190 H HB   . ILE A 1 12 ? 3.816   -1.635 -1.336 1.00 19.38 ? 12  ILE A HB   1 
ATOM   191 H HG12 . ILE A 1 12 ? 4.533   0.770  -0.033 1.00 24.06 ? 12  ILE A HG12 1 
ATOM   192 H HG13 . ILE A 1 12 ? 3.228   -0.038 0.365  1.00 24.06 ? 12  ILE A HG13 1 
ATOM   193 H HG21 . ILE A 1 12 ? 6.078   -1.067 -1.519 1.00 21.49 ? 12  ILE A HG21 1 
ATOM   194 H HG22 . ILE A 1 12 ? 5.379   -1.006 -2.944 1.00 21.49 ? 12  ILE A HG22 1 
ATOM   195 H HG23 . ILE A 1 12 ? 5.670   0.336  -2.144 1.00 21.49 ? 12  ILE A HG23 1 
ATOM   196 H HD11 . ILE A 1 12 ? 4.933   -0.499 1.856  1.00 29.88 ? 12  ILE A HD11 1 
ATOM   197 H HD12 . ILE A 1 12 ? 4.542   -1.819 1.064  1.00 29.88 ? 12  ILE A HD12 1 
ATOM   198 H HD13 . ILE A 1 12 ? 5.849   -1.009 0.664  1.00 29.88 ? 12  ILE A HD13 1 
HETATM 199 N N    . EZY A 1 13 ? 0.998   -1.304 -1.876 1.00 16.84 ? 13  EZY A N    1 
HETATM 200 C CA   . EZY A 1 13 ? -0.236  -1.667 -1.191 1.00 15.47 ? 13  EZY A CA   1 
HETATM 201 C C    . EZY A 1 13 ? -0.064  -2.286 -0.031 1.00 22.42 ? 13  EZY A C    1 
HETATM 202 O O    . EZY A 1 13 ? 0.867   -2.999 0.138  1.00 17.30 ? 13  EZY A O    1 
HETATM 203 C C01  . EZY A 1 13 ? 1.319   -2.391 -2.793 1.00 15.93 ? 13  EZY A C01  1 
HETATM 204 C C02  . EZY A 1 13 ? 0.378   -3.374 -4.942 1.00 24.44 ? 13  EZY A C02  1 
HETATM 205 C C03  . EZY A 1 13 ? -0.360  -3.257 -6.109 1.00 19.51 ? 13  EZY A C03  1 
HETATM 206 C C04  . EZY A 1 13 ? -0.968  -2.056 -6.433 1.00 16.28 ? 13  EZY A C04  1 
HETATM 207 C C05  . EZY A 1 13 ? -0.838  -0.968 -5.589 1.00 14.78 ? 13  EZY A C05  1 
HETATM 208 C C06  . EZY A 1 13 ? -0.102  -1.081 -4.421 1.00 17.91 ? 13  EZY A C06  1 
HETATM 209 C C07  . EZY A 1 13 ? 0.508   -2.281 -4.089 1.00 19.77 ? 13  EZY A C07  1 
HETATM 210 N N01  . EZY A 1 13 ? 0.997   -4.654 -4.643 1.00 32.80 ? 13  EZY A N01  1 
HETATM 211 O O01  . EZY A 1 13 ? 0.393   -5.647 -4.825 1.00 34.60 ? 13  EZY A O01  1 
HETATM 212 O O02  . EZY A 1 13 ? 2.097   -4.709 -4.232 1.00 33.57 ? 13  EZY A O02  1 
HETATM 213 H HA2  . EZY A 1 13 ? -1.048  -1.887 -1.674 1.00 18.21 ? 13  EZY A HA2  1 
HETATM 214 H HA3  . EZY A 1 13 ? -0.495  -0.763 -0.955 1.00 18.21 ? 13  EZY A HA3  1 
HETATM 215 H H08  . EZY A 1 13 ? 2.264   -2.356 -3.007 1.00 19.18 ? 13  EZY A H08  1 
HETATM 216 H H05  . EZY A 1 13 ? 1.120   -3.237 -2.365 1.00 19.18 ? 13  EZY A H05  1 
HETATM 217 H H14  . EZY A 1 13 ? -0.446  -3.989 -6.678 1.00 23.49 ? 13  EZY A H14  1 
HETATM 218 H H10  . EZY A 1 13 ? -1.462  -1.981 -7.218 1.00 19.60 ? 13  EZY A H10  1 
HETATM 219 H H11  . EZY A 1 13 ? -1.246  -0.161 -5.806 1.00 17.81 ? 13  EZY A H11  1 
HETATM 220 H H12  . EZY A 1 13 ? -0.019  -0.348 -3.855 1.00 21.56 ? 13  EZY A H12  1 
ATOM   221 N N    . LEU A 1 14 ? -0.968  -2.042 0.912  1.00 18.02 ? 14  LEU A N    1 
ATOM   222 C CA   . LEU A 1 14 ? -0.973  -2.749 2.188  1.00 19.10 ? 14  LEU A CA   1 
ATOM   223 C C    . LEU A 1 14 ? -2.354  -3.356 2.386  1.00 20.11 ? 14  LEU A C    1 
ATOM   224 O O    . LEU A 1 14 ? -3.298  -2.648 2.737  1.00 20.27 ? 14  LEU A O    1 
ATOM   225 C CB   . LEU A 1 14 ? -0.630  -1.808 3.345  1.00 21.40 ? 14  LEU A CB   1 
ATOM   226 C CG   . LEU A 1 14 ? 0.667   -1.006 3.231  1.00 23.62 ? 14  LEU A CG   1 
ATOM   227 C CD1  . LEU A 1 14 ? 0.798   -0.066 4.420  1.00 25.84 ? 14  LEU A CD1  1 
ATOM   228 C CD2  . LEU A 1 14 ? 1.872   -1.926 3.138  1.00 27.21 ? 14  LEU A CD2  1 
ATOM   229 H H    . LEU A 1 14 ? -1.598  -1.462 0.836  1.00 21.70 ? 14  LEU A H    1 
ATOM   230 H HA   . LEU A 1 14 ? -0.319  -3.465 2.167  1.00 22.57 ? 14  LEU A HA   1 
ATOM   231 H HB2  . LEU A 1 14 ? -1.353  -1.169 3.438  1.00 25.75 ? 14  LEU A HB2  1 
ATOM   232 H HB3  . LEU A 1 14 ? -0.565  -2.338 4.155  1.00 25.75 ? 14  LEU A HB3  1 
ATOM   233 H HG   . LEU A 1 14 ? 0.636   -0.467 2.424  1.00 28.41 ? 14  LEU A HG   1 
ATOM   234 H HD11 . LEU A 1 14 ? 1.623   0.437  4.336  1.00 31.08 ? 14  LEU A HD11 1 
ATOM   235 H HD12 . LEU A 1 14 ? 0.040   0.540  4.428  1.00 31.08 ? 14  LEU A HD12 1 
ATOM   236 H HD13 . LEU A 1 14 ? 0.811   -0.589 5.236  1.00 31.08 ? 14  LEU A HD13 1 
ATOM   237 H HD21 . LEU A 1 14 ? 2.676   -1.387 3.068  1.00 32.72 ? 14  LEU A HD21 1 
ATOM   238 H HD22 . LEU A 1 14 ? 1.911   -2.475 3.937  1.00 32.72 ? 14  LEU A HD22 1 
ATOM   239 H HD23 . LEU A 1 14 ? 1.780   -2.488 2.353  1.00 32.72 ? 14  LEU A HD23 1 
HETATM 240 N N    . ORN A 1 15 ? -2.472  -4.663 2.161  1.00 20.97 ? 15  ORN A N    1 
HETATM 241 C CA   . ORN A 1 15 ? -3.651  -5.224 2.103  1.00 26.13 ? 15  ORN A CA   1 
HETATM 242 C CB   . ORN A 1 15 ? -3.725  -6.056 0.839  1.00 28.16 ? 15  ORN A CB   1 
HETATM 243 C CG   . ORN A 1 15 ? -4.768  -7.153 0.926  1.00 35.61 ? 15  ORN A CG   1 
HETATM 244 C CD   . ORN A 1 15 ? -5.192  -7.572 -0.469 1.00 41.96 ? 15  ORN A CD   1 
HETATM 245 N NE   . ORN A 1 15 ? -4.069  -7.996 -1.244 1.00 47.88 ? 15  ORN A NE   1 
HETATM 246 C C    . ORN A 1 15 ? -4.034  -5.857 3.227  1.00 25.67 ? 15  ORN A C    1 
HETATM 247 O O    . ORN A 1 15 ? -3.289  -6.579 3.858  1.00 24.63 ? 15  ORN A O    1 
HETATM 248 H H    . ORN A 1 15 ? -1.742  -5.201 2.042  1.00 24.81 ? 15  ORN A H    1 
HETATM 249 H HA   . ORN A 1 15 ? -4.324  -4.545 1.885  1.00 31.43 ? 15  ORN A HA   1 
HETATM 250 H HB2  . ORN A 1 15 ? -2.848  -6.448 0.655  1.00 33.86 ? 15  ORN A HB2  1 
HETATM 251 H HB3  . ORN A 1 15 ? -3.968  -5.464 0.099  1.00 33.86 ? 15  ORN A HB3  1 
HETATM 252 H HG2  . ORN A 1 15 ? -5.549  -6.818 1.410  1.00 42.80 ? 15  ORN A HG2  1 
HETATM 253 H HG3  . ORN A 1 15 ? -4.395  -7.921 1.402  1.00 42.80 ? 15  ORN A HG3  1 
HETATM 254 H HD2  . ORN A 1 15 ? -5.622  -6.813 -0.916 1.00 50.42 ? 15  ORN A HD2  1 
HETATM 255 H HD3  . ORN A 1 15 ? -5.833  -8.310 -0.402 1.00 50.42 ? 15  ORN A HD3  1 
HETATM 256 H HE1  . ORN A 1 15 ? -4.352  -8.252 -2.079 1.00 57.53 ? 15  ORN A HE1  1 
HETATM 257 H HE2  . ORN A 1 15 ? -3.659  -8.705 -0.829 1.00 57.53 ? 15  ORN A HE2  1 
HETATM 258 H HN3  . ORN A 1 15 ? -3.472  -7.302 -1.324 1.00 57.53 ? 15  ORN A HN3  1 
ATOM   259 N N    . VAL A 1 16 ? -5.307  -5.626 3.578  1.00 24.38 ? 16  VAL A N    1 
ATOM   260 C CA   . VAL A 1 16 ? -5.979  -6.192 4.739  1.00 27.78 ? 16  VAL A CA   1 
ATOM   261 C C    . VAL A 1 16 ? -7.297  -6.826 4.312  1.00 27.42 ? 16  VAL A C    1 
ATOM   262 O O    . VAL A 1 16 ? -8.316  -6.148 4.221  1.00 27.43 ? 16  VAL A O    1 
ATOM   263 C CB   . VAL A 1 16 ? -6.217  -5.127 5.824  1.00 27.95 ? 16  VAL A CB   1 
ATOM   264 C CG1  . VAL A 1 16 ? -6.802  -5.764 7.078  1.00 29.61 ? 16  VAL A CG1  1 
ATOM   265 C CG2  . VAL A 1 16 ? -4.926  -4.396 6.149  1.00 28.39 ? 16  VAL A CG2  1 
ATOM   266 H HA   . VAL A 1 16 ? -5.420  -6.887 5.119  1.00 33.41 ? 16  VAL A HA   1 
ATOM   267 H HB   . VAL A 1 16 ? -6.855  -4.474 5.492  1.00 33.61 ? 16  VAL A HB   1 
ATOM   268 H HG11 . VAL A 1 16 ? -6.944  -5.075 7.745  1.00 35.18 ? 16  VAL A HG11 1 
ATOM   269 H HG12 . VAL A 1 16 ? -7.647  -6.185 6.852  1.00 35.18 ? 16  VAL A HG12 1 
ATOM   270 H HG13 . VAL A 1 16 ? -6.181  -6.428 7.413  1.00 35.18 ? 16  VAL A HG13 1 
ATOM   271 H HG21 . VAL A 1 16 ? -5.102  -3.732 6.833  1.00 34.14 ? 16  VAL A HG21 1 
ATOM   272 H HG22 . VAL A 1 16 ? -4.273  -5.038 6.470  1.00 34.14 ? 16  VAL A HG22 1 
ATOM   273 H HG23 . VAL A 1 16 ? -4.596  -3.964 5.345  1.00 34.14 ? 16  VAL A HG23 1 
HETATM 274 O O    . HOH B 2 .  ? 5.297   9.767  -3.793 1.00 35.85 ? 101 HOH A O    1 
HETATM 275 O O    . HOH B 2 .  ? 9.817   0.276  -2.528 1.00 39.77 ? 102 HOH A O    1 
HETATM 276 O O    . HOH B 2 .  ? 8.784   -1.739 0.011  1.00 20.86 ? 103 HOH A O    1 
HETATM 277 O O    . HOH B 2 .  ? -10.362 -5.045 -2.601 1.00 37.17 ? 104 HOH A O    1 
HETATM 278 O O    . HOH B 2 .  ? 10.939  2.904  4.112  1.00 35.52 ? 105 HOH A O    1 
HETATM 279 O O    . HOH B 2 .  ? -2.424  6.236  2.668  1.00 12.50 ? 106 HOH A O    1 
HETATM 280 O O    . HOH B 2 .  ? 8.212   3.039  -8.645 1.00 17.29 ? 107 HOH A O    1 
HETATM 281 O O    . HOH B 2 .  ? 0.001   -6.130 1.362  1.00 28.64 ? 108 HOH A O    1 
HETATM 282 O O    . HOH B 2 .  ? -1.322  -5.244 -2.408 1.00 29.04 ? 109 HOH A O    1 
HETATM 283 O O    . HOH B 2 .  ? 12.966  0.299  -1.922 0.50 36.19 ? 110 HOH A O    1 
HETATM 284 O O    . HOH B 2 .  ? 8.190   0.376  -8.763 1.00 29.97 ? 111 HOH A O    1 
# 
loop_
_atom_site_anisotrop.id 
_atom_site_anisotrop.type_symbol 
_atom_site_anisotrop.pdbx_label_atom_id 
_atom_site_anisotrop.pdbx_label_alt_id 
_atom_site_anisotrop.pdbx_label_comp_id 
_atom_site_anisotrop.pdbx_label_asym_id 
_atom_site_anisotrop.pdbx_label_seq_id 
_atom_site_anisotrop.pdbx_PDB_ins_code 
_atom_site_anisotrop.U[1][1] 
_atom_site_anisotrop.U[2][2] 
_atom_site_anisotrop.U[3][3] 
_atom_site_anisotrop.U[1][2] 
_atom_site_anisotrop.U[1][3] 
_atom_site_anisotrop.U[2][3] 
_atom_site_anisotrop.pdbx_auth_seq_id 
_atom_site_anisotrop.pdbx_auth_comp_id 
_atom_site_anisotrop.pdbx_auth_asym_id 
_atom_site_anisotrop.pdbx_auth_atom_id 
1   N N   . ORN A 1  ? 0.3029 0.3716 0.4474 -0.0914 0.0080  0.1521  1  ORN A N   
2   C CA  . ORN A 1  ? 0.2824 0.3574 0.3926 -0.0843 0.0181  0.1474  1  ORN A CA  
3   C CB  . ORN A 1  ? 0.2842 0.3325 0.3739 -0.0780 0.0005  0.1475  1  ORN A CB  
4   C CG  . ORN A 1  ? 0.3156 0.3480 0.4035 -0.0892 -0.0091 0.1702  1  ORN A CG  
5   C CD  . ORN A 1  ? 0.3379 0.3821 0.3991 -0.0969 0.0032  0.1856  1  ORN A CD  
6   N NE  . ORN A 1  ? 0.3576 0.4036 0.3888 -0.0862 0.0046  0.1749  1  ORN A NE  
7   C C   . ORN A 1  ? 0.2988 0.3878 0.4033 -0.0720 0.0278  0.1261  1  ORN A C   
8   O O   . ORN A 1  ? 0.2669 0.3531 0.3880 -0.0660 0.0216  0.1133  1  ORN A O   
20  N N   . LEU A 2  ? 0.2677 0.3702 0.3457 -0.0691 0.0426  0.1229  2  LEU A N   
21  C CA  . LEU A 2  ? 0.2845 0.3979 0.3542 -0.0583 0.0516  0.1036  2  LEU A CA  
22  C C   . LEU A 2  ? 0.2236 0.3206 0.2722 -0.0480 0.0385  0.0930  2  LEU A C   
23  O O   . LEU A 2  ? 0.2397 0.3234 0.2729 -0.0493 0.0288  0.1019  2  LEU A O   
24  C CB  . LEU A 2  ? 0.2588 0.3933 0.3112 -0.0608 0.0742  0.1038  2  LEU A CB  
25  C CG  . LEU A 2  ? 0.3389 0.4957 0.4141 -0.0694 0.0928  0.1122  2  LEU A CG  
26  C CD1 . LEU A 2  ? 0.3370 0.5060 0.3855 -0.0688 0.1143  0.1063  2  LEU A CD1 
27  C CD2 . LEU A 2  ? 0.2949 0.4604 0.4076 -0.0646 0.0925  0.1025  2  LEU A CD2 
39  N N   . VAL A 3  ? 0.2021 0.3000 0.2515 -0.0379 0.0381  0.0750  3  VAL A N   
40  C CA  . VAL A 3  ? 0.1999 0.2868 0.2316 -0.0283 0.0288  0.0644  3  VAL A CA  
41  C C   . VAL A 3  ? 0.1859 0.2860 0.2019 -0.0230 0.0405  0.0512  3  VAL A C   
42  O O   . VAL A 3  ? 0.1696 0.2760 0.1965 -0.0188 0.0457  0.0396  3  VAL A O   
43  C CB  . VAL A 3  ? 0.2064 0.2771 0.2519 -0.0216 0.0144  0.0549  3  VAL A CB  
44  C CG1 . VAL A 3  ? 0.1952 0.2572 0.2250 -0.0119 0.0069  0.0451  3  VAL A CG1 
45  C CG2 . VAL A 3  ? 0.2382 0.2927 0.2994 -0.0274 0.0022  0.0664  3  VAL A CG2 
55  N N   . PHI A 4  ? 0.1991 0.3015 0.1889 -0.0236 0.0431  0.0535  4  PHI A N   
56  C CA  . PHI A 4  ? 0.2327 0.3435 0.2040 -0.0193 0.0512  0.0405  4  PHI A CA  
57  C CB  . PHI A 4  ? 0.2410 0.3564 0.1815 -0.0251 0.0573  0.0472  4  PHI A CB  
58  C CG  . PHI A 4  ? 0.3641 0.4893 0.3023 -0.0348 0.0726  0.0589  4  PHI A CG  
59  C CD1 . PHI A 4  ? 0.3097 0.4500 0.2512 -0.0347 0.0929  0.0503  4  PHI A CD1 
60  C CD2 . PHI A 4  ? 0.4432 0.5630 0.3770 -0.0434 0.0676  0.0780  4  PHI A CD2 
61  C CE1 . PHI A 4  ? 0.3191 0.4625 0.2619 -0.0413 0.1062  0.0581  4  PHI A CE1 
62  C CE2 . PHI A 4  ? 0.3516 0.4815 0.2829 -0.0534 0.0827  0.0897  4  PHI A CE2 
63  C CZ  . PHI A 4  ? 0.3194 0.4619 0.2560 -0.0518 0.1032  0.0784  4  PHI A CZ  
64  I I   . PHI A 4  ? 0.3900 0.5366 0.3283 -0.0626 0.1253  0.0894  4  PHI A I   
65  C C   . PHI A 4  ? 0.1803 0.2827 0.1499 -0.0107 0.0395  0.0297  4  PHI A C   
66  O O   . PHI A 4  ? 0.2186 0.3084 0.1964 -0.0077 0.0256  0.0333  4  PHI A O   
75  N N   . PHE A 5  ? 0.2282 0.3364 0.1877 -0.0066 0.0448  0.0164  5  PHE A N   
76  C CA  . PHE A 5  ? 0.1589 0.2619 0.1177 0.0006  0.0357  0.0062  5  PHE A CA  
77  C C   . PHE A 5  ? 0.1918 0.2992 0.1276 0.0003  0.0356  0.0021  5  PHE A C   
78  O O   . PHE A 5  ? 0.1802 0.2937 0.0986 -0.0039 0.0455  0.0004  5  PHE A O   
79  C CB  . PHE A 5  ? 0.1395 0.2428 0.1125 0.0052  0.0389  -0.0062 5  PHE A CB  
80  C CG  . PHE A 5  ? 0.1485 0.2467 0.1434 0.0046  0.0364  -0.0027 5  PHE A CG  
81  C CD1 . PHE A 5  ? 0.1656 0.2511 0.1692 0.0071  0.0244  -0.0007 5  PHE A CD1 
82  C CD2 . PHE A 5  ? 0.1797 0.2856 0.1877 0.0016  0.0456  -0.0017 5  PHE A CD2 
83  C CE1 . PHE A 5  ? 0.1951 0.2733 0.2165 0.0053  0.0200  0.0021  5  PHE A CE1 
84  C CE2 . PHE A 5  ? 0.2807 0.3823 0.3109 -0.0002 0.0409  0.0025  5  PHE A CE2 
85  C CZ  . PHE A 5  ? 0.2402 0.3270 0.2753 0.0010  0.0272  0.0043  5  PHE A CZ  
95  N N   . ALA A 6  ? 0.1633 0.2672 0.0994 0.0046  0.0241  0.0001  6  ALA A N   
96  C CA  . ALA A 6  ? 0.1712 0.2794 0.0898 0.0038  0.0203  -0.0032 6  ALA A CA  
97  C C   . ALA A 6  ? 0.1566 0.2644 0.0882 0.0105  0.0112  -0.0096 6  ALA A C   
98  O O   . ALA A 6  ? 0.1510 0.2534 0.0992 0.0154  0.0045  -0.0064 6  ALA A O   
99  C CB  . ALA A 6  ? 0.1960 0.3033 0.0974 -0.0018 0.0135  0.0105  6  ALA A CB  
105 N N   . GLU A 7  ? 0.2313 0.3446 0.1558 0.0104  0.0119  -0.0191 7  GLU A N   
106 C CA  . GLU A 7  ? 0.2352 0.3519 0.1724 0.0153  0.0048  -0.0242 7  GLU A CA  
107 C C   . GLU A 7  ? 0.1911 0.3114 0.1277 0.0152  -0.0080 -0.0151 7  GLU A C   
108 O O   . GLU A 7  ? 0.2559 0.3783 0.1730 0.0090  -0.0117 -0.0104 7  GLU A O   
109 C CB  . GLU A 7  ? 0.2305 0.3458 0.1672 0.0128  0.0084  -0.0339 7  GLU A CB  
110 C CG  . GLU A 7  ? 0.3189 0.4411 0.2697 0.0170  0.0045  -0.0395 7  GLU A CG  
111 C CD  . GLU A 7  ? 0.4362 0.5535 0.3884 0.0117  0.0052  -0.0435 7  GLU A CD  
112 O OE1 . GLU A 7  ? 0.4628 0.5864 0.4055 0.0078  -0.0003 -0.0430 7  GLU A OE1 
113 O OE2 . GLU A 7  ? 0.4579 0.5639 0.4187 0.0109  0.0092  -0.0456 7  GLU A OE2 
120 N N   . ASP A 8  ? 0.1539 0.2744 0.1114 0.0224  -0.0149 -0.0130 8  ASP A N   
121 C CA  . ASP A 8  ? 0.2235 0.3485 0.1877 0.0242  -0.0285 -0.0040 8  ASP A CA  
122 C C   . ASP A 8  ? 0.1965 0.3295 0.1863 0.0326  -0.0314 -0.0099 8  ASP A C   
123 O O   . ASP A 8  ? 0.2485 0.3757 0.2547 0.0404  -0.0284 -0.0129 8  ASP A O   
124 C CB  . ASP A 8  ? 0.2033 0.3180 0.1698 0.0254  -0.0354 0.0096  8  ASP A CB  
125 C CG  . ASP A 8  ? 0.2856 0.4036 0.2586 0.0269  -0.0517 0.0211  8  ASP A CG  
126 O OD1 . ASP A 8  ? 0.2297 0.3593 0.2023 0.0252  -0.0580 0.0193  8  ASP A OD1 
127 O OD2 . ASP A 8  ? 0.2446 0.3527 0.2247 0.0294  -0.0596 0.0326  8  ASP A OD2 
132 N N   . ORN A 9  ? 0.4593 0.6185 0.5109 0.0528  -0.0066 -0.0453 9  ORN A N   
133 C CA  . ORN A 9  ? 0.3374 0.4828 0.3708 0.0488  -0.0110 -0.0387 9  ORN A CA  
134 C CB  . ORN A 9  ? 0.2551 0.4046 0.2693 0.0383  -0.0140 -0.0362 9  ORN A CB  
135 C CG  . ORN A 9  ? 0.2870 0.4500 0.3071 0.0356  -0.0260 -0.0295 9  ORN A CG  
136 C CD  . ORN A 9  ? 0.3164 0.4748 0.3363 0.0373  -0.0380 -0.0165 9  ORN A CD  
137 N NE  . ORN A 9  ? 0.2636 0.4100 0.2564 0.0303  -0.0369 -0.0119 9  ORN A NE  
138 C C   . ORN A 9  ? 0.2743 0.4032 0.2971 0.0492  -0.0029 -0.0439 9  ORN A C   
139 O O   . ORN A 9  ? 0.2233 0.3489 0.2488 0.0523  0.0047  -0.0523 9  ORN A O   
151 N N   . ALA A 10 ? 0.2529 0.3716 0.2626 0.0449  -0.0050 -0.0376 10 ALA A N   
152 C CA  . ALA A 10 ? 0.1898 0.2947 0.1929 0.0439  0.0003  -0.0403 10 ALA A CA  
153 C C   . ALA A 10 ? 0.1626 0.2648 0.1526 0.0366  0.0002  -0.0331 10 ALA A C   
154 O O   . ALA A 10 ? 0.1561 0.2642 0.1389 0.0329  -0.0040 -0.0260 10 ALA A O   
155 C CB  . ALA A 10 ? 0.2018 0.2936 0.2159 0.0512  -0.0027 -0.0398 10 ALA A CB  
161 N N   . ILE A 11 ? 0.1794 0.2733 0.1661 0.0343  0.0053  -0.0348 11 ILE A N   
162 C CA  . ILE A 11 ? 0.2009 0.2938 0.1799 0.0281  0.0077  -0.0277 11 ILE A CA  
163 C C   . ILE A 11 ? 0.2476 0.3294 0.2345 0.0289  0.0021  -0.0186 11 ILE A C   
164 O O   . ILE A 11 ? 0.1356 0.2066 0.1311 0.0313  0.0009  -0.0217 11 ILE A O   
165 C CB  . ILE A 11 ? 0.2189 0.3117 0.1950 0.0250  0.0161  -0.0340 11 ILE A CB  
166 C CG1 . ILE A 11 ? 0.3029 0.3977 0.2726 0.0215  0.0185  -0.0386 11 ILE A CG1 
167 C CG2 . ILE A 11 ? 0.1427 0.2354 0.1177 0.0198  0.0204  -0.0265 11 ILE A CG2 
168 C CD1 . ILE A 11 ? 0.3651 0.4472 0.3392 0.0176  0.0215  -0.0395 11 ILE A CD1 
180 N N   . ILE A 12 ? 0.2008 0.2836 0.1833 0.0259  -0.0026 -0.0070 12 ILE A N   
181 C CA  . ILE A 12 ? 0.1518 0.2227 0.1421 0.0260  -0.0098 0.0037  12 ILE A CA  
182 C C   . ILE A 12 ? 0.2011 0.2711 0.1873 0.0173  -0.0048 0.0126  12 ILE A C   
183 O O   . ILE A 12 ? 0.1871 0.2677 0.1616 0.0120  0.0044  0.0120  12 ILE A O   
184 C CB  . ILE A 12 ? 0.1834 0.2545 0.1734 0.0279  -0.0204 0.0134  12 ILE A CB  
185 C CG1 . ILE A 12 ? 0.2360 0.3176 0.2060 0.0202  -0.0190 0.0205  12 ILE A CG1 
186 C CG2 . ILE A 12 ? 0.2007 0.2755 0.2020 0.0374  -0.0246 0.0049  12 ILE A CG2 
187 C CD1 . ILE A 12 ? 0.2992 0.3787 0.2660 0.0195  -0.0319 0.0342  12 ILE A CD1 
199 N N   . EZY A 13 ? 0.1951 0.2526 0.1922 0.0159  -0.0102 0.0205  13 EZY A N   
200 C CA  . EZY A 13 ? 0.1777 0.2359 0.1745 0.0064  -0.0060 0.0323  13 EZY A CA  
201 C C   . EZY A 13 ? 0.2689 0.3267 0.2563 0.0012  -0.0094 0.0466  13 EZY A C   
202 O O   . EZY A 13 ? 0.2066 0.2565 0.1942 0.0051  -0.0204 0.0516  13 EZY A O   
203 C C01 . EZY A 13 ? 0.1847 0.2252 0.1952 0.0220  -0.0200 0.0192  13 EZY A C01 
204 C C02 . EZY A 13 ? 0.2959 0.3082 0.3247 0.0254  -0.0270 0.0088  13 EZY A C02 
205 C C03 . EZY A 13 ? 0.2351 0.2386 0.2678 0.0247  -0.0274 0.0003  13 EZY A C03 
206 C C04 . EZY A 13 ? 0.1911 0.2065 0.2208 0.0218  -0.0194 -0.0061 13 EZY A C04 
207 C C05 . EZY A 13 ? 0.1680 0.2031 0.1906 0.0201  -0.0098 -0.0052 13 EZY A C05 
208 C C06 . EZY A 13 ? 0.2072 0.2502 0.2230 0.0202  -0.0090 0.0019  13 EZY A C06 
209 C C07 . EZY A 13 ? 0.2333 0.2657 0.2522 0.0226  -0.0181 0.0097  13 EZY A C07 
210 N N01 . EZY A 13 ? 0.4045 0.4027 0.4391 0.0291  -0.0375 0.0164  13 EZY A N01 
211 O O01 . EZY A 13 ? 0.4304 0.4120 0.4725 0.0259  -0.0448 0.0224  13 EZY A O01 
212 O O02 . EZY A 13 ? 0.4133 0.4158 0.4467 0.0351  -0.0398 0.0171  13 EZY A O02 
221 N N   . LEU A 14 ? 0.2134 0.2802 0.1912 -0.0081 0.0004  0.0550  14 LEU A N   
222 C CA  . LEU A 14 ? 0.2322 0.2976 0.1961 -0.0163 -0.0021 0.0727  14 LEU A CA  
223 C C   . LEU A 14 ? 0.2418 0.3068 0.2155 -0.0260 0.0040  0.0846  14 LEU A C   
224 O O   . LEU A 14 ? 0.2400 0.3189 0.2112 -0.0312 0.0195  0.0832  14 LEU A O   
225 C CB  . LEU A 14 ? 0.2663 0.3443 0.2026 -0.0199 0.0059  0.0719  14 LEU A CB  
226 C CG  . LEU A 14 ? 0.2961 0.3777 0.2235 -0.0125 0.0006  0.0599  14 LEU A CG  
227 C CD1 . LEU A 14 ? 0.3309 0.4224 0.2283 -0.0183 0.0084  0.0588  14 LEU A CD1 
228 C CD2 . LEU A 14 ? 0.3426 0.4143 0.2769 -0.0070 -0.0175 0.0663  14 LEU A CD2 
240 N N   . ORN A 15 ? 0.2537 0.3027 0.2405 -0.0283 -0.0079 0.0964  15 ORN A N   
241 C CA  . ORN A 15 ? 0.3147 0.3624 0.3157 -0.0369 -0.0046 0.1058  15 ORN A CA  
242 C CB  . ORN A 15 ? 0.3390 0.3676 0.3633 -0.0324 -0.0180 0.1019  15 ORN A CB  
243 C CG  . ORN A 15 ? 0.4312 0.4505 0.4713 -0.0438 -0.0222 0.1181  15 ORN A CG  
244 C CD  . ORN A 15 ? 0.5091 0.5134 0.5717 -0.0408 -0.0316 0.1091  15 ORN A CD  
245 N NE  . ORN A 15 ? 0.5913 0.5757 0.6523 -0.0287 -0.0450 0.0985  15 ORN A NE  
246 C C   . ORN A 15 ? 0.3121 0.3601 0.3031 -0.0483 -0.0027 0.1254  15 ORN A C   
247 O O   . ORN A 15 ? 0.3067 0.3437 0.2855 -0.0495 -0.0138 0.1372  15 ORN A O   
259 N N   . VAL A 16 ? 0.2891 0.3512 0.2860 -0.0580 0.0124  0.1313  16 VAL A N   
260 C CA  . VAL A 16 ? 0.3336 0.4005 0.3214 -0.0723 0.0198  0.1522  16 VAL A CA  
261 C C   . VAL A 16 ? 0.3184 0.3867 0.3366 -0.0816 0.0222  0.1616  16 VAL A C   
262 O O   . VAL A 16 ? 0.3074 0.3953 0.3396 -0.0844 0.0384  0.1571  16 VAL A O   
263 C CB  . VAL A 16 ? 0.3374 0.4254 0.2991 -0.0762 0.0408  0.1500  16 VAL A CB  
264 C CG1 . VAL A 16 ? 0.3624 0.4542 0.3084 -0.0919 0.0493  0.1727  16 VAL A CG1 
265 C CG2 . VAL A 16 ? 0.3530 0.4392 0.2865 -0.0677 0.0364  0.1388  16 VAL A CG2 
# 
